data_4H9S
#
_entry.id   4H9S
#
_cell.length_a   96.397
_cell.length_b   99.165
_cell.length_c   100.611
_cell.angle_alpha   90.00
_cell.angle_beta   90.00
_cell.angle_gamma   90.00
#
_symmetry.space_group_name_H-M   'P 21 21 21'
#
loop_
_entity.id
_entity.type
_entity.pdbx_description
1 polymer 'Histone H3.3'
2 polymer 'Histone H4'
3 polymer 'Death domain-associated protein 6'
4 non-polymer 'PHOSPHATE ION'
5 water water
#
loop_
_entity_poly.entity_id
_entity_poly.type
_entity_poly.pdbx_seq_one_letter_code
_entity_poly.pdbx_strand_id
1 'polypeptide(L)'
;ARTKQTARKSTGGKAPRKQLATKAARKSAPSTGGVKKPHRYRPGTVALREIRRYQKSTELLIRKLPFQRLVREICQDFKT
DLRWQSAAIGALQEAAEAFLVALFEDTNLCTIHAKRVTIFPKDIQLARRIRGERA
;
A,B
2 'polypeptide(L)'
;KVLRDNIQGITKPAIRRLARRGGVKRISGLIYEETRGVLKVFLENVIRDAVTYTEHAKRKTVTAMDVVYALKRQGRTLYG
FGG
;
C,D
3 'polypeptide(L)'
;GSRRQIQRLEQLLALYVAEIRRLQEKELDLSELDDPDSAYLQEARLKRKLIRLFGRLCELKDCSSLTGRVIEQRIPYRGT
RYPEVNRRIERLINKPGPDTFPDYGDVLRAVEKAAARHSLGLPRQQLQLMAQDAFRDVGIRLQERRHLDLIYNFGCHLTD
DYRPGVDPALSDPVLARRLRENRSLAMSRLDEVISKYAMLQDKSEEGERKKRRARL
;
E,F
#
loop_
_chem_comp.id
_chem_comp.type
_chem_comp.name
_chem_comp.formula
PO4 non-polymer 'PHOSPHATE ION' 'O4 P -3'
#
# COMPACT_ATOMS: atom_id res chain seq x y z
N THR A 45 9.72 -24.38 20.78
CA THR A 45 10.22 -23.00 20.74
C THR A 45 9.33 -22.11 19.89
N VAL A 46 8.99 -20.94 20.43
CA VAL A 46 8.13 -19.99 19.74
C VAL A 46 8.93 -19.06 18.85
N ALA A 47 8.51 -18.93 17.59
CA ALA A 47 9.15 -18.03 16.64
C ALA A 47 8.79 -16.57 16.90
N LEU A 48 9.65 -15.67 16.45
CA LEU A 48 9.46 -14.23 16.65
C LEU A 48 8.17 -13.71 16.01
N ARG A 49 7.76 -14.27 14.88
CA ARG A 49 6.54 -13.82 14.19
C ARG A 49 5.30 -13.92 15.08
N GLU A 50 5.19 -15.04 15.78
CA GLU A 50 4.09 -15.25 16.73
C GLU A 50 4.08 -14.16 17.81
N ILE A 51 5.24 -13.95 18.42
CA ILE A 51 5.42 -12.90 19.43
C ILE A 51 5.02 -11.54 18.87
N ARG A 52 5.40 -11.27 17.63
CA ARG A 52 5.03 -10.03 16.95
C ARG A 52 3.52 -9.87 16.89
N ARG A 53 2.82 -10.89 16.38
CA ARG A 53 1.36 -10.86 16.32
C ARG A 53 0.73 -10.54 17.67
N TYR A 54 1.10 -11.32 18.69
CA TYR A 54 0.45 -11.14 19.99
C TYR A 54 0.74 -9.75 20.54
N GLN A 55 1.97 -9.27 20.32
CA GLN A 55 2.37 -7.94 20.77
C GLN A 55 1.49 -6.88 20.13
N LYS A 56 1.30 -6.99 18.82
CA LYS A 56 0.40 -6.08 18.11
C LYS A 56 -0.98 -6.08 18.75
N SER A 57 -1.48 -7.26 19.06
CA SER A 57 -2.79 -7.35 19.71
C SER A 57 -2.90 -6.61 21.04
N THR A 58 -1.83 -6.57 21.83
CA THR A 58 -1.87 -5.91 23.13
C THR A 58 -1.84 -4.37 23.01
N GLU A 59 -1.63 -3.90 21.79
CA GLU A 59 -1.46 -2.46 21.56
C GLU A 59 -2.74 -1.75 21.09
N LEU A 60 -3.82 -2.50 20.89
CA LEU A 60 -5.09 -1.92 20.47
C LEU A 60 -5.59 -0.83 21.44
N LEU A 61 -6.15 0.25 20.89
CA LEU A 61 -6.58 1.39 21.69
C LEU A 61 -8.03 1.32 22.22
N ILE A 62 -8.82 0.43 21.64
CA ILE A 62 -10.21 0.29 22.04
C ILE A 62 -10.33 -0.83 23.09
N ARG A 63 -11.12 -0.60 24.14
CA ARG A 63 -11.33 -1.61 25.16
C ARG A 63 -12.03 -2.82 24.53
N LYS A 64 -11.58 -4.00 24.91
CA LYS A 64 -11.97 -5.20 24.18
C LYS A 64 -13.40 -5.66 24.46
N LEU A 65 -13.87 -5.47 25.70
CA LEU A 65 -15.25 -5.81 26.03
C LEU A 65 -16.28 -4.89 25.35
N PRO A 66 -16.09 -3.55 25.43
CA PRO A 66 -17.01 -2.70 24.66
C PRO A 66 -17.03 -3.03 23.18
N PHE A 67 -15.88 -3.39 22.59
CA PHE A 67 -15.84 -3.76 21.19
C PHE A 67 -16.64 -5.03 20.94
N GLN A 68 -16.41 -6.03 21.79
CA GLN A 68 -17.11 -7.30 21.71
C GLN A 68 -18.63 -7.07 21.76
N ARG A 69 -19.06 -6.20 22.66
CA ARG A 69 -20.48 -5.88 22.82
C ARG A 69 -21.03 -5.10 21.64
N LEU A 70 -20.19 -4.27 21.02
CA LEU A 70 -20.59 -3.57 19.81
C LEU A 70 -20.87 -4.59 18.70
N VAL A 71 -19.98 -5.57 18.55
CA VAL A 71 -20.20 -6.63 17.57
C VAL A 71 -21.50 -7.36 17.85
N ARG A 72 -21.72 -7.67 19.14
CA ARG A 72 -22.96 -8.30 19.58
C ARG A 72 -24.20 -7.51 19.16
N GLU A 73 -24.18 -6.21 19.43
CA GLU A 73 -25.28 -5.32 19.09
C GLU A 73 -25.55 -5.35 17.60
N ILE A 74 -24.48 -5.24 16.81
CA ILE A 74 -24.64 -5.26 15.36
C ILE A 74 -25.28 -6.55 14.90
N CYS A 75 -24.85 -7.67 15.46
CA CYS A 75 -25.43 -8.95 15.07
C CYS A 75 -26.90 -9.02 15.45
N GLN A 76 -27.25 -8.40 16.57
CA GLN A 76 -28.65 -8.33 16.99
C GLN A 76 -29.47 -7.51 15.98
N ASP A 77 -28.93 -6.37 15.54
CA ASP A 77 -29.61 -5.53 14.55
C ASP A 77 -29.76 -6.26 13.22
N PHE A 78 -28.77 -7.09 12.89
CA PHE A 78 -28.80 -7.85 11.66
C PHE A 78 -29.72 -9.07 11.77
N LYS A 79 -30.17 -9.35 12.99
CA LYS A 79 -30.96 -10.54 13.29
C LYS A 79 -30.25 -11.83 12.86
N THR A 80 -28.93 -11.87 13.06
CA THR A 80 -28.14 -13.08 12.81
C THR A 80 -27.78 -13.80 14.13
N ASP A 81 -28.00 -15.11 14.14
CA ASP A 81 -27.79 -15.93 15.33
C ASP A 81 -26.45 -16.68 15.36
N LEU A 82 -25.61 -16.46 14.35
CA LEU A 82 -24.39 -17.25 14.19
C LEU A 82 -23.40 -17.12 15.34
N ARG A 83 -22.54 -18.11 15.50
CA ARG A 83 -21.46 -17.99 16.46
C ARG A 83 -20.27 -17.28 15.80
N TRP A 84 -19.25 -17.00 16.59
CA TRP A 84 -18.06 -16.29 16.11
C TRP A 84 -16.82 -16.88 16.74
N GLN A 85 -15.83 -17.21 15.92
CA GLN A 85 -14.53 -17.60 16.42
C GLN A 85 -13.97 -16.38 17.13
N SER A 86 -13.38 -16.59 18.30
CA SER A 86 -12.73 -15.51 19.05
C SER A 86 -11.72 -14.77 18.15
N ALA A 87 -11.05 -15.55 17.30
CA ALA A 87 -10.11 -15.04 16.31
C ALA A 87 -10.78 -14.02 15.38
N ALA A 88 -12.02 -14.30 15.00
CA ALA A 88 -12.79 -13.41 14.13
C ALA A 88 -13.04 -12.06 14.81
N ILE A 89 -13.34 -12.08 16.09
CA ILE A 89 -13.52 -10.85 16.85
C ILE A 89 -12.21 -10.05 16.84
N GLY A 90 -11.10 -10.73 17.11
CA GLY A 90 -9.79 -10.09 17.08
C GLY A 90 -9.51 -9.44 15.73
N ALA A 91 -9.77 -10.16 14.65
CA ALA A 91 -9.58 -9.67 13.30
C ALA A 91 -10.40 -8.39 13.08
N LEU A 92 -11.68 -8.46 13.46
CA LEU A 92 -12.54 -7.30 13.39
C LEU A 92 -11.96 -6.09 14.13
N GLN A 93 -11.45 -6.29 15.34
CA GLN A 93 -10.97 -5.15 16.12
C GLN A 93 -9.72 -4.53 15.50
N GLU A 94 -8.77 -5.38 15.11
CA GLU A 94 -7.54 -4.87 14.49
C GLU A 94 -7.86 -4.08 13.22
N ALA A 95 -8.74 -4.64 12.39
CA ALA A 95 -9.11 -3.98 11.15
C ALA A 95 -9.84 -2.66 11.39
N ALA A 96 -10.78 -2.66 12.34
CA ALA A 96 -11.55 -1.46 12.63
C ALA A 96 -10.68 -0.31 13.14
N GLU A 97 -9.76 -0.63 14.03
CA GLU A 97 -8.85 0.38 14.53
C GLU A 97 -7.95 0.91 13.40
N ALA A 98 -7.52 0.01 12.52
CA ALA A 98 -6.73 0.44 11.37
C ALA A 98 -7.52 1.39 10.47
N PHE A 99 -8.78 1.07 10.24
CA PHE A 99 -9.66 1.87 9.39
C PHE A 99 -9.82 3.28 9.96
N LEU A 100 -10.12 3.37 11.27
CA LEU A 100 -10.25 4.68 11.91
C LEU A 100 -8.95 5.48 11.82
N VAL A 101 -7.83 4.84 12.14
CA VAL A 101 -6.55 5.54 12.13
C VAL A 101 -6.23 6.06 10.72
N ALA A 102 -6.51 5.25 9.70
CA ALA A 102 -6.28 5.64 8.32
C ALA A 102 -7.17 6.82 7.95
N LEU A 103 -8.39 6.84 8.49
CA LEU A 103 -9.30 7.97 8.27
C LEU A 103 -8.66 9.26 8.79
N PHE A 104 -8.15 9.20 10.01
CA PHE A 104 -7.50 10.39 10.58
C PHE A 104 -6.21 10.76 9.84
N GLU A 105 -5.45 9.76 9.40
CA GLU A 105 -4.23 10.00 8.65
C GLU A 105 -4.54 10.74 7.37
N ASP A 106 -5.60 10.30 6.70
CA ASP A 106 -6.02 10.92 5.45
C ASP A 106 -6.47 12.35 5.68
N THR A 107 -7.18 12.58 6.78
CA THR A 107 -7.58 13.96 7.10
C THR A 107 -6.35 14.84 7.33
N ASN A 108 -5.44 14.34 8.17
CA ASN A 108 -4.16 14.99 8.44
C ASN A 108 -3.42 15.39 7.17
N LEU A 109 -3.26 14.43 6.26
CA LEU A 109 -2.57 14.64 4.99
C LEU A 109 -3.27 15.66 4.06
N CYS A 110 -4.57 15.85 4.25
CA CYS A 110 -5.32 16.79 3.40
C CYS A 110 -5.48 18.17 4.02
N THR A 111 -5.01 18.32 5.25
CA THR A 111 -5.10 19.60 5.92
C THR A 111 -3.76 20.29 5.83
N ILE A 112 -3.67 21.29 4.96
CA ILE A 112 -2.45 22.06 4.84
C ILE A 112 -2.75 23.48 5.30
N HIS A 113 -2.34 23.76 6.53
CA HIS A 113 -2.67 25.03 7.16
C HIS A 113 -1.52 25.63 7.96
N ALA A 114 -1.07 24.85 8.95
CA ALA A 114 0.15 25.08 9.71
C ALA A 114 -0.06 26.03 10.87
N LYS A 115 -1.26 26.59 10.91
CA LYS A 115 -1.76 27.18 12.13
C LYS A 115 -2.12 26.03 13.03
N ARG A 116 -2.19 26.28 14.33
CA ARG A 116 -2.78 25.32 15.25
C ARG A 116 -4.18 25.06 14.68
N VAL A 117 -4.50 23.81 14.41
CA VAL A 117 -5.69 23.51 13.61
C VAL A 117 -6.53 22.34 14.14
N THR A 118 -7.83 22.59 14.24
CA THR A 118 -8.78 21.61 14.76
C THR A 118 -9.49 20.92 13.60
N ILE A 119 -9.62 19.59 13.70
CA ILE A 119 -10.29 18.82 12.67
C ILE A 119 -11.78 18.73 12.95
N PHE A 120 -12.58 18.97 11.92
CA PHE A 120 -14.04 18.95 12.04
C PHE A 120 -14.58 17.88 11.10
N PRO A 121 -15.91 17.61 11.15
CA PRO A 121 -16.53 16.66 10.21
C PRO A 121 -16.31 16.95 8.72
N LYS A 122 -16.31 18.22 8.32
CA LYS A 122 -16.13 18.55 6.92
C LYS A 122 -14.73 18.21 6.43
N ASP A 123 -13.75 18.36 7.31
CA ASP A 123 -12.39 17.96 7.01
C ASP A 123 -12.32 16.47 6.74
N ILE A 124 -12.97 15.69 7.61
CA ILE A 124 -13.06 14.24 7.44
C ILE A 124 -13.64 13.92 6.08
N GLN A 125 -14.78 14.55 5.77
CA GLN A 125 -15.47 14.33 4.51
C GLN A 125 -14.60 14.63 3.29
N LEU A 126 -13.93 15.79 3.34
CA LEU A 126 -13.06 16.21 2.26
C LEU A 126 -11.96 15.19 2.04
N ALA A 127 -11.29 14.82 3.12
CA ALA A 127 -10.19 13.87 3.05
C ALA A 127 -10.65 12.54 2.48
N ARG A 128 -11.86 12.12 2.86
CA ARG A 128 -12.40 10.89 2.31
C ARG A 128 -12.66 11.01 0.81
N ARG A 129 -13.19 12.15 0.36
CA ARG A 129 -13.41 12.37 -1.07
C ARG A 129 -12.09 12.36 -1.84
N ILE A 130 -11.05 12.95 -1.27
CA ILE A 130 -9.74 13.00 -1.92
C ILE A 130 -8.94 11.69 -1.90
N ARG A 131 -8.71 11.13 -0.72
CA ARG A 131 -7.88 9.92 -0.59
C ARG A 131 -8.63 8.60 -0.42
N GLY A 132 -9.96 8.65 -0.35
CA GLY A 132 -10.76 7.48 -0.03
C GLY A 132 -10.86 6.42 -1.11
N GLU A 133 -11.59 5.34 -0.79
CA GLU A 133 -11.75 4.18 -1.66
C GLU A 133 -10.42 3.46 -1.91
N ARG B 40 14.60 30.01 -5.47
CA ARG B 40 15.22 29.29 -4.36
C ARG B 40 16.47 30.00 -3.85
N TYR B 41 17.31 29.26 -3.13
CA TYR B 41 18.55 29.79 -2.55
C TYR B 41 19.37 30.54 -3.60
N ARG B 42 19.59 29.88 -4.73
CA ARG B 42 19.91 30.57 -5.97
C ARG B 42 18.68 30.36 -6.85
N PRO B 43 18.04 31.45 -7.28
CA PRO B 43 16.72 31.38 -7.91
C PRO B 43 16.67 30.47 -9.14
N GLY B 44 15.67 29.59 -9.17
CA GLY B 44 15.45 28.74 -10.32
C GLY B 44 16.17 27.41 -10.28
N THR B 45 16.91 27.14 -9.20
CA THR B 45 17.52 25.84 -8.99
C THR B 45 16.43 24.79 -8.93
N VAL B 46 16.62 23.71 -9.68
CA VAL B 46 15.64 22.63 -9.73
C VAL B 46 15.62 21.85 -8.42
N ALA B 47 14.42 21.64 -7.88
CA ALA B 47 14.24 20.85 -6.67
C ALA B 47 14.45 19.35 -6.95
N LEU B 48 15.04 18.67 -5.99
CA LEU B 48 15.29 17.23 -6.10
C LEU B 48 14.05 16.42 -6.44
N ARG B 49 12.89 16.86 -5.95
CA ARG B 49 11.65 16.14 -6.21
C ARG B 49 11.34 16.05 -7.70
N GLU B 50 11.54 17.15 -8.42
CA GLU B 50 11.33 17.15 -9.87
C GLU B 50 12.31 16.23 -10.58
N ILE B 51 13.56 16.23 -10.12
CA ILE B 51 14.58 15.35 -10.67
C ILE B 51 14.17 13.89 -10.49
N ARG B 52 13.64 13.57 -9.31
CA ARG B 52 13.16 12.22 -9.02
C ARG B 52 12.04 11.85 -9.98
N ARG B 53 11.07 12.75 -10.08
CA ARG B 53 9.91 12.53 -10.94
C ARG B 53 10.33 12.24 -12.37
N TYR B 54 11.25 13.03 -12.92
CA TYR B 54 11.67 12.81 -14.29
C TYR B 54 12.57 11.58 -14.42
N GLN B 55 13.33 11.29 -13.37
CA GLN B 55 14.23 10.14 -13.36
C GLN B 55 13.46 8.83 -13.48
N LYS B 56 12.32 8.75 -12.81
CA LYS B 56 11.48 7.55 -12.89
C LYS B 56 11.15 7.18 -14.33
N SER B 57 10.83 8.19 -15.14
CA SER B 57 10.45 7.99 -16.54
C SER B 57 11.55 7.32 -17.37
N THR B 58 12.80 7.70 -17.11
CA THR B 58 13.92 7.18 -17.88
C THR B 58 14.25 5.71 -17.55
N GLU B 59 13.60 5.17 -16.52
CA GLU B 59 13.81 3.78 -16.11
C GLU B 59 12.73 2.82 -16.62
N LEU B 60 11.79 3.33 -17.41
CA LEU B 60 10.73 2.50 -17.98
C LEU B 60 11.30 1.48 -18.97
N LEU B 61 10.83 0.24 -18.88
CA LEU B 61 11.36 -0.87 -19.67
C LEU B 61 10.80 -0.99 -21.09
N ILE B 62 9.54 -0.59 -21.26
CA ILE B 62 8.93 -0.57 -22.58
C ILE B 62 9.37 0.66 -23.37
N ARG B 63 9.75 0.46 -24.62
CA ARG B 63 10.15 1.57 -25.48
C ARG B 63 8.97 2.50 -25.75
N LYS B 64 9.23 3.81 -25.71
CA LYS B 64 8.17 4.81 -25.74
C LYS B 64 7.34 4.85 -27.03
N LEU B 65 8.00 4.69 -28.18
CA LEU B 65 7.30 4.73 -29.46
C LEU B 65 6.32 3.56 -29.70
N PRO B 66 6.78 2.31 -29.47
CA PRO B 66 5.83 1.20 -29.56
C PRO B 66 4.67 1.35 -28.57
N PHE B 67 4.95 1.84 -27.37
CA PHE B 67 3.88 2.06 -26.39
C PHE B 67 2.86 3.07 -26.89
N GLN B 68 3.32 4.22 -27.38
CA GLN B 68 2.39 5.23 -27.88
C GLN B 68 1.60 4.70 -29.08
N ARG B 69 2.22 3.82 -29.86
CA ARG B 69 1.50 3.19 -30.97
C ARG B 69 0.44 2.20 -30.49
N LEU B 70 0.72 1.50 -29.40
CA LEU B 70 -0.27 0.66 -28.76
C LEU B 70 -1.46 1.48 -28.30
N VAL B 71 -1.19 2.62 -27.64
CA VAL B 71 -2.28 3.49 -27.23
C VAL B 71 -3.10 3.96 -28.43
N ARG B 72 -2.41 4.29 -29.52
CA ARG B 72 -3.10 4.69 -30.75
C ARG B 72 -4.03 3.60 -31.28
N GLU B 73 -3.50 2.40 -31.43
CA GLU B 73 -4.28 1.25 -31.88
C GLU B 73 -5.54 1.09 -31.04
N ILE B 74 -5.37 1.13 -29.72
CA ILE B 74 -6.51 1.07 -28.82
C ILE B 74 -7.53 2.18 -29.12
N CYS B 75 -7.05 3.40 -29.36
CA CYS B 75 -7.97 4.50 -29.65
C CYS B 75 -8.65 4.38 -31.03
N GLN B 76 -8.10 3.54 -31.89
CA GLN B 76 -8.79 3.21 -33.13
C GLN B 76 -9.87 2.15 -32.88
N ASP B 77 -9.54 1.14 -32.08
CA ASP B 77 -10.50 0.08 -31.77
C ASP B 77 -11.70 0.62 -31.00
N PHE B 78 -11.45 1.59 -30.13
CA PHE B 78 -12.53 2.24 -29.38
C PHE B 78 -13.25 3.27 -30.25
N LYS B 79 -12.71 3.52 -31.43
CA LYS B 79 -13.20 4.56 -32.34
C LYS B 79 -13.23 5.92 -31.63
N THR B 80 -12.05 6.41 -31.28
CA THR B 80 -11.93 7.63 -30.48
C THR B 80 -10.97 8.64 -31.11
N ASP B 81 -11.50 9.83 -31.45
CA ASP B 81 -10.72 10.88 -32.09
C ASP B 81 -10.13 11.97 -31.16
N LEU B 82 -10.25 11.77 -29.85
CA LEU B 82 -9.79 12.74 -28.85
C LEU B 82 -8.28 12.96 -28.93
N ARG B 83 -7.82 14.10 -28.42
CA ARG B 83 -6.39 14.34 -28.29
C ARG B 83 -5.86 13.77 -26.97
N TRP B 84 -4.54 13.83 -26.79
CA TRP B 84 -3.92 13.33 -25.57
C TRP B 84 -2.79 14.23 -25.09
N GLN B 85 -2.88 14.69 -23.84
CA GLN B 85 -1.74 15.36 -23.22
C GLN B 85 -0.57 14.38 -23.17
N SER B 86 0.62 14.88 -23.44
CA SER B 86 1.83 14.06 -23.37
C SER B 86 1.98 13.43 -21.98
N ALA B 87 1.71 14.25 -20.97
CA ALA B 87 1.76 13.83 -19.58
C ALA B 87 0.82 12.65 -19.31
N ALA B 88 -0.33 12.67 -19.97
CA ALA B 88 -1.31 11.60 -19.86
C ALA B 88 -0.78 10.28 -20.41
N ILE B 89 -0.11 10.33 -21.56
CA ILE B 89 0.54 9.16 -22.11
C ILE B 89 1.57 8.61 -21.14
N GLY B 90 2.35 9.53 -20.54
CA GLY B 90 3.36 9.14 -19.58
C GLY B 90 2.76 8.41 -18.40
N ALA B 91 1.67 8.96 -17.88
CA ALA B 91 0.93 8.37 -16.78
C ALA B 91 0.49 6.96 -17.14
N LEU B 92 -0.07 6.82 -18.34
CA LEU B 92 -0.48 5.52 -18.85
C LEU B 92 0.67 4.52 -18.82
N GLN B 93 1.84 4.93 -19.29
CA GLN B 93 2.94 3.98 -19.36
C GLN B 93 3.48 3.56 -18.00
N GLU B 94 3.68 4.54 -17.12
CA GLU B 94 4.13 4.22 -15.77
C GLU B 94 3.16 3.26 -15.08
N ALA B 95 1.87 3.56 -15.20
CA ALA B 95 0.82 2.71 -14.62
C ALA B 95 0.81 1.29 -15.20
N ALA B 96 0.86 1.17 -16.52
CA ALA B 96 0.85 -0.14 -17.18
C ALA B 96 2.04 -1.00 -16.77
N GLU B 97 3.23 -0.40 -16.76
CA GLU B 97 4.42 -1.16 -16.37
C GLU B 97 4.32 -1.60 -14.90
N ALA B 98 3.83 -0.70 -14.06
CA ALA B 98 3.57 -1.04 -12.65
C ALA B 98 2.62 -2.24 -12.53
N PHE B 99 1.57 -2.22 -13.35
CA PHE B 99 0.58 -3.29 -13.33
C PHE B 99 1.20 -4.63 -13.69
N LEU B 100 1.98 -4.64 -14.77
CA LEU B 100 2.66 -5.86 -15.20
C LEU B 100 3.62 -6.40 -14.13
N VAL B 101 4.50 -5.54 -13.64
CA VAL B 101 5.46 -5.97 -12.63
C VAL B 101 4.72 -6.51 -11.40
N ALA B 102 3.62 -5.87 -11.01
CA ALA B 102 2.87 -6.33 -9.86
C ALA B 102 2.25 -7.71 -10.10
N LEU B 103 1.79 -7.95 -11.33
CA LEU B 103 1.32 -9.28 -11.72
C LEU B 103 2.42 -10.32 -11.50
N PHE B 104 3.62 -9.99 -11.98
CA PHE B 104 4.75 -10.92 -11.78
C PHE B 104 5.20 -11.11 -10.33
N GLU B 105 5.20 -10.02 -9.56
CA GLU B 105 5.51 -10.07 -8.14
C GLU B 105 4.53 -11.00 -7.46
N ASP B 106 3.26 -10.83 -7.80
CA ASP B 106 2.19 -11.67 -7.24
C ASP B 106 2.45 -13.15 -7.56
N THR B 107 2.83 -13.41 -8.80
CA THR B 107 3.10 -14.80 -9.18
C THR B 107 4.28 -15.36 -8.38
N ASN B 108 5.33 -14.57 -8.24
CA ASN B 108 6.51 -14.97 -7.50
C ASN B 108 6.19 -15.28 -6.03
N LEU B 109 5.39 -14.41 -5.41
CA LEU B 109 5.01 -14.58 -4.02
C LEU B 109 4.16 -15.83 -3.77
N CYS B 110 3.45 -16.27 -4.80
CA CYS B 110 2.57 -17.43 -4.66
C CYS B 110 3.21 -18.73 -5.10
N THR B 111 4.40 -18.64 -5.65
CA THR B 111 5.10 -19.85 -6.05
C THR B 111 6.10 -20.17 -4.97
N ILE B 112 5.77 -21.17 -4.16
CA ILE B 112 6.71 -21.59 -3.15
C ILE B 112 7.14 -22.97 -3.56
N HIS B 113 8.30 -22.99 -4.21
CA HIS B 113 8.91 -24.21 -4.71
C HIS B 113 10.41 -24.08 -4.57
N ALA B 114 11.04 -25.00 -3.83
CA ALA B 114 12.47 -24.90 -3.60
C ALA B 114 13.26 -24.94 -4.90
N LYS B 115 12.97 -25.95 -5.69
CA LYS B 115 13.65 -26.16 -6.96
C LYS B 115 13.33 -25.04 -7.94
N ARG B 116 14.23 -24.82 -8.88
CA ARG B 116 14.05 -23.80 -9.91
C ARG B 116 12.77 -24.07 -10.69
N VAL B 117 11.89 -23.06 -10.72
CA VAL B 117 10.60 -23.20 -11.38
C VAL B 117 10.49 -22.25 -12.56
N THR B 118 9.74 -22.67 -13.57
CA THR B 118 9.41 -21.81 -14.69
C THR B 118 7.95 -21.40 -14.57
N ILE B 119 7.68 -20.11 -14.73
CA ILE B 119 6.33 -19.59 -14.58
C ILE B 119 5.51 -19.80 -15.84
N PHE B 120 4.32 -20.36 -15.66
CA PHE B 120 3.40 -20.67 -16.75
C PHE B 120 2.11 -19.87 -16.54
N PRO B 121 1.32 -19.70 -17.62
CA PRO B 121 0.05 -18.95 -17.55
C PRO B 121 -0.84 -19.37 -16.38
N LYS B 122 -0.87 -20.67 -16.06
CA LYS B 122 -1.68 -21.16 -14.97
C LYS B 122 -1.22 -20.62 -13.62
N ASP B 123 0.09 -20.46 -13.47
CA ASP B 123 0.65 -19.89 -12.25
C ASP B 123 0.22 -18.43 -12.10
N ILE B 124 0.25 -17.71 -13.21
CA ILE B 124 -0.25 -16.34 -13.27
C ILE B 124 -1.69 -16.28 -12.77
N GLN B 125 -2.54 -17.12 -13.37
CA GLN B 125 -3.95 -17.17 -13.02
C GLN B 125 -4.16 -17.43 -11.53
N LEU B 126 -3.52 -18.49 -11.03
CA LEU B 126 -3.62 -18.85 -9.62
C LEU B 126 -3.25 -17.68 -8.72
N ALA B 127 -2.06 -17.12 -8.92
CA ALA B 127 -1.59 -15.99 -8.12
C ALA B 127 -2.54 -14.79 -8.20
N ARG B 128 -3.18 -14.61 -9.35
CA ARG B 128 -4.13 -13.51 -9.48
C ARG B 128 -5.41 -13.78 -8.69
N ARG B 129 -5.86 -15.02 -8.62
CA ARG B 129 -7.04 -15.29 -7.79
C ARG B 129 -6.67 -15.12 -6.32
N ILE B 130 -5.45 -15.51 -5.97
CA ILE B 130 -5.00 -15.39 -4.59
C ILE B 130 -4.73 -13.95 -4.14
N ARG B 131 -3.85 -13.25 -4.86
CA ARG B 131 -3.45 -11.89 -4.48
C ARG B 131 -4.12 -10.74 -5.25
N GLY B 132 -4.98 -11.09 -6.21
CA GLY B 132 -5.57 -10.08 -7.08
C GLY B 132 -6.58 -9.15 -6.44
N GLU B 133 -6.81 -8.02 -7.12
CA GLU B 133 -7.66 -6.96 -6.60
C GLU B 133 -9.12 -7.09 -7.05
N GLN C 8 -21.14 1.01 28.06
CA GLN C 8 -22.13 1.81 27.35
C GLN C 8 -21.74 1.98 25.88
N GLY C 9 -20.45 2.14 25.64
CA GLY C 9 -19.92 2.35 24.31
C GLY C 9 -18.42 2.55 24.37
N ILE C 10 -17.83 3.02 23.27
CA ILE C 10 -16.39 3.25 23.23
C ILE C 10 -16.06 4.71 23.57
N THR C 11 -14.92 4.91 24.23
CA THR C 11 -14.67 6.12 25.03
C THR C 11 -13.82 7.20 24.37
N LYS C 12 -14.10 8.43 24.76
CA LYS C 12 -13.45 9.62 24.22
C LYS C 12 -11.91 9.66 24.26
N PRO C 13 -11.29 9.21 25.37
CA PRO C 13 -9.82 9.19 25.32
C PRO C 13 -9.27 8.25 24.25
N ALA C 14 -9.98 7.15 23.99
CA ALA C 14 -9.58 6.19 22.96
C ALA C 14 -9.72 6.80 21.57
N ILE C 15 -10.80 7.55 21.38
CA ILE C 15 -11.03 8.24 20.11
C ILE C 15 -9.96 9.30 19.87
N ARG C 16 -9.62 10.04 20.92
CA ARG C 16 -8.57 11.05 20.84
C ARG C 16 -7.23 10.41 20.51
N ARG C 17 -6.96 9.26 21.11
CA ARG C 17 -5.72 8.53 20.85
C ARG C 17 -5.66 8.01 19.41
N LEU C 18 -6.77 7.49 18.92
CA LEU C 18 -6.89 7.08 17.53
C LEU C 18 -6.61 8.24 16.57
N ALA C 19 -7.18 9.40 16.88
CA ALA C 19 -6.93 10.60 16.07
C ALA C 19 -5.44 10.96 16.08
N ARG C 20 -4.86 11.01 17.29
CA ARG C 20 -3.47 11.39 17.46
C ARG C 20 -2.50 10.43 16.74
N ARG C 21 -2.87 9.16 16.71
CA ARG C 21 -2.07 8.15 16.01
C ARG C 21 -1.94 8.48 14.53
N GLY C 22 -2.96 9.13 13.98
CA GLY C 22 -2.94 9.56 12.59
C GLY C 22 -2.42 10.97 12.40
N GLY C 23 -1.90 11.57 13.45
CA GLY C 23 -1.30 12.89 13.35
C GLY C 23 -2.27 14.04 13.57
N VAL C 24 -3.50 13.73 13.98
CA VAL C 24 -4.47 14.76 14.31
C VAL C 24 -4.47 15.03 15.82
N LYS C 25 -3.98 16.19 16.21
CA LYS C 25 -3.84 16.55 17.62
C LYS C 25 -5.14 17.05 18.22
N ARG C 26 -5.93 17.75 17.41
CA ARG C 26 -7.15 18.39 17.89
C ARG C 26 -8.38 18.05 17.06
N ILE C 27 -9.43 17.61 17.75
CA ILE C 27 -10.67 17.27 17.09
C ILE C 27 -11.81 18.07 17.70
N SER C 28 -12.85 18.33 16.92
CA SER C 28 -13.98 19.09 17.42
C SER C 28 -14.96 18.18 18.15
N GLY C 29 -16.00 18.77 18.73
CA GLY C 29 -16.94 18.05 19.56
C GLY C 29 -17.72 16.98 18.83
N LEU C 30 -18.04 17.25 17.57
CA LEU C 30 -18.80 16.30 16.77
C LEU C 30 -17.99 15.05 16.40
N ILE C 31 -16.67 15.17 16.46
CA ILE C 31 -15.79 14.09 16.00
C ILE C 31 -15.94 12.83 16.85
N TYR C 32 -16.22 13.00 18.13
CA TYR C 32 -16.44 11.85 19.00
C TYR C 32 -17.62 10.99 18.54
N GLU C 33 -18.79 11.60 18.44
CA GLU C 33 -19.99 10.92 17.95
C GLU C 33 -19.83 10.41 16.51
N GLU C 34 -19.21 11.21 15.65
CA GLU C 34 -18.96 10.76 14.29
C GLU C 34 -18.08 9.51 14.27
N THR C 35 -17.04 9.50 15.09
CA THR C 35 -16.11 8.37 15.13
C THR C 35 -16.85 7.12 15.58
N ARG C 36 -17.70 7.26 16.60
CA ARG C 36 -18.53 6.11 17.01
C ARG C 36 -19.40 5.62 15.85
N GLY C 37 -19.98 6.57 15.11
CA GLY C 37 -20.87 6.22 14.02
C GLY C 37 -20.17 5.51 12.87
N VAL C 38 -19.01 6.02 12.50
CA VAL C 38 -18.19 5.44 11.46
C VAL C 38 -17.69 4.06 11.85
N LEU C 39 -17.24 3.92 13.11
CA LEU C 39 -16.84 2.62 13.62
C LEU C 39 -17.97 1.62 13.44
N LYS C 40 -19.16 1.99 13.90
CA LYS C 40 -20.29 1.08 13.78
C LYS C 40 -20.63 0.73 12.33
N VAL C 41 -20.60 1.72 11.45
CA VAL C 41 -20.92 1.49 10.04
C VAL C 41 -19.92 0.55 9.38
N PHE C 42 -18.63 0.80 9.62
CA PHE C 42 -17.56 -0.07 9.15
C PHE C 42 -17.76 -1.52 9.61
N LEU C 43 -17.96 -1.70 10.91
CA LEU C 43 -18.21 -3.03 11.45
C LEU C 43 -19.42 -3.68 10.80
N GLU C 44 -20.48 -2.89 10.56
CA GLU C 44 -21.66 -3.41 9.89
C GLU C 44 -21.31 -3.93 8.51
N ASN C 45 -20.48 -3.19 7.78
CA ASN C 45 -20.08 -3.62 6.44
C ASN C 45 -19.30 -4.94 6.47
N VAL C 46 -18.24 -4.98 7.27
CA VAL C 46 -17.42 -6.19 7.37
C VAL C 46 -18.26 -7.39 7.79
N ILE C 47 -19.05 -7.22 8.85
CA ILE C 47 -19.90 -8.30 9.35
C ILE C 47 -20.93 -8.74 8.31
N ARG C 48 -21.49 -7.79 7.56
CA ARG C 48 -22.45 -8.14 6.52
C ARG C 48 -21.81 -9.07 5.50
N ASP C 49 -20.62 -8.70 5.03
CA ASP C 49 -19.90 -9.58 4.09
C ASP C 49 -19.53 -10.93 4.71
N ALA C 50 -19.03 -10.90 5.95
CA ALA C 50 -18.55 -12.11 6.62
C ALA C 50 -19.68 -13.12 6.82
N VAL C 51 -20.80 -12.61 7.32
CA VAL C 51 -22.02 -13.39 7.49
C VAL C 51 -22.50 -13.91 6.14
N THR C 52 -22.41 -13.11 5.09
CA THR C 52 -22.77 -13.60 3.76
C THR C 52 -21.92 -14.83 3.38
N TYR C 53 -20.62 -14.75 3.63
CA TYR C 53 -19.73 -15.89 3.38
C TYR C 53 -20.12 -17.13 4.21
N THR C 54 -20.33 -16.91 5.50
CA THR C 54 -20.68 -17.99 6.43
C THR C 54 -21.98 -18.68 6.02
N GLU C 55 -22.99 -17.90 5.65
CA GLU C 55 -24.29 -18.44 5.29
C GLU C 55 -24.29 -19.10 3.91
N HIS C 56 -23.47 -18.59 3.01
CA HIS C 56 -23.33 -19.22 1.70
C HIS C 56 -22.72 -20.62 1.83
N ALA C 57 -21.83 -20.78 2.79
CA ALA C 57 -21.16 -22.06 3.00
C ALA C 57 -22.00 -22.98 3.90
N LYS C 58 -23.18 -22.50 4.28
CA LYS C 58 -24.09 -23.22 5.16
C LYS C 58 -23.42 -23.55 6.49
N ARG C 59 -22.67 -22.58 7.02
CA ARG C 59 -21.91 -22.75 8.25
C ARG C 59 -22.56 -22.02 9.42
N LYS C 60 -22.42 -22.57 10.61
CA LYS C 60 -23.05 -21.97 11.78
C LYS C 60 -22.13 -21.07 12.61
N THR C 61 -20.87 -21.00 12.25
CA THR C 61 -19.93 -20.12 12.94
C THR C 61 -19.10 -19.30 11.96
N VAL C 62 -19.07 -17.99 12.18
CA VAL C 62 -18.25 -17.12 11.35
C VAL C 62 -16.79 -17.30 11.74
N THR C 63 -15.96 -17.69 10.77
CA THR C 63 -14.56 -17.94 11.06
C THR C 63 -13.71 -16.70 10.79
N ALA C 64 -12.42 -16.81 11.10
CA ALA C 64 -11.48 -15.71 10.86
C ALA C 64 -11.25 -15.54 9.37
N MET C 65 -11.34 -16.64 8.63
CA MET C 65 -11.20 -16.61 7.18
C MET C 65 -12.33 -15.83 6.52
N ASP C 66 -13.56 -16.04 7.02
CA ASP C 66 -14.71 -15.26 6.58
C ASP C 66 -14.48 -13.77 6.76
N VAL C 67 -13.94 -13.39 7.93
CA VAL C 67 -13.68 -11.99 8.23
C VAL C 67 -12.55 -11.44 7.34
N VAL C 68 -11.59 -12.28 7.02
CA VAL C 68 -10.49 -11.88 6.13
C VAL C 68 -11.01 -11.57 4.73
N TYR C 69 -11.72 -12.53 4.15
CA TYR C 69 -12.37 -12.36 2.85
C TYR C 69 -13.30 -11.14 2.84
N ALA C 70 -14.02 -10.93 3.93
CA ALA C 70 -14.87 -9.75 4.05
C ALA C 70 -14.05 -8.47 4.02
N LEU C 71 -12.95 -8.46 4.77
CA LEU C 71 -12.09 -7.30 4.89
C LEU C 71 -11.44 -6.89 3.57
N LYS C 72 -11.09 -7.89 2.77
CA LYS C 72 -10.49 -7.63 1.46
C LYS C 72 -11.41 -6.86 0.50
N ARG C 73 -12.70 -6.82 0.82
CA ARG C 73 -13.65 -6.09 -0.02
C ARG C 73 -13.96 -4.68 0.49
N GLN C 74 -13.28 -4.30 1.57
CA GLN C 74 -13.50 -3.02 2.23
C GLN C 74 -12.53 -1.94 1.76
N GLY C 75 -11.77 -2.23 0.71
CA GLY C 75 -10.74 -1.31 0.22
C GLY C 75 -9.32 -1.58 0.67
N ARG C 76 -8.53 -0.52 0.75
CA ARG C 76 -7.07 -0.62 1.00
C ARG C 76 -6.67 -1.28 2.33
N THR C 77 -7.62 -1.46 3.23
CA THR C 77 -7.33 -1.91 4.59
C THR C 77 -6.49 -3.20 4.66
N LEU C 78 -6.95 -4.26 4.02
CA LEU C 78 -6.19 -5.51 3.97
C LEU C 78 -5.35 -5.71 2.70
N TYR C 79 -5.22 -4.67 1.87
CA TYR C 79 -4.48 -4.77 0.62
C TYR C 79 -3.09 -5.38 0.87
N GLY C 80 -2.71 -6.37 0.07
CA GLY C 80 -1.40 -6.98 0.17
C GLY C 80 -1.29 -8.19 1.09
N PHE C 81 -2.36 -8.51 1.81
CA PHE C 81 -2.36 -9.63 2.75
C PHE C 81 -2.49 -10.98 2.04
N GLN D 8 7.26 -6.87 -34.73
CA GLN D 8 7.71 -5.91 -33.73
C GLN D 8 6.66 -5.65 -32.65
N GLY D 9 6.48 -4.39 -32.27
CA GLY D 9 5.68 -4.05 -31.10
C GLY D 9 6.55 -4.16 -29.85
N ILE D 10 5.95 -4.63 -28.76
CA ILE D 10 6.67 -4.78 -27.49
C ILE D 10 7.50 -6.07 -27.42
N THR D 11 8.81 -5.91 -27.22
CA THR D 11 9.78 -7.00 -27.40
C THR D 11 9.86 -8.03 -26.27
N LYS D 12 10.36 -9.21 -26.60
CA LYS D 12 10.62 -10.27 -25.63
C LYS D 12 11.60 -9.89 -24.50
N PRO D 13 12.71 -9.18 -24.83
CA PRO D 13 13.59 -8.81 -23.71
C PRO D 13 12.92 -7.87 -22.70
N ALA D 14 12.04 -6.99 -23.15
CA ALA D 14 11.35 -6.06 -22.25
C ALA D 14 10.39 -6.83 -21.34
N ILE D 15 9.77 -7.86 -21.90
CA ILE D 15 8.87 -8.71 -21.14
C ILE D 15 9.66 -9.51 -20.10
N ARG D 16 10.80 -10.04 -20.50
CA ARG D 16 11.64 -10.78 -19.57
C ARG D 16 12.15 -9.88 -18.44
N ARG D 17 12.50 -8.63 -18.77
CA ARG D 17 12.96 -7.70 -17.74
C ARG D 17 11.83 -7.34 -16.78
N LEU D 18 10.64 -7.12 -17.32
CA LEU D 18 9.45 -6.86 -16.50
C LEU D 18 9.24 -8.00 -15.51
N ALA D 19 9.26 -9.23 -16.03
CA ALA D 19 9.10 -10.42 -15.20
C ALA D 19 10.19 -10.52 -14.13
N ARG D 20 11.42 -10.21 -14.51
CA ARG D 20 12.54 -10.30 -13.57
C ARG D 20 12.44 -9.26 -12.47
N ARG D 21 11.94 -8.08 -12.82
CA ARG D 21 11.74 -7.00 -11.87
C ARG D 21 10.83 -7.44 -10.72
N GLY D 22 9.96 -8.40 -11.01
CA GLY D 22 9.06 -8.96 -10.01
C GLY D 22 9.57 -10.26 -9.41
N GLY D 23 10.83 -10.58 -9.67
CA GLY D 23 11.46 -11.74 -9.08
C GLY D 23 11.15 -13.05 -9.78
N VAL D 24 10.64 -12.96 -11.00
CA VAL D 24 10.37 -14.15 -11.80
C VAL D 24 11.52 -14.31 -12.80
N LYS D 25 12.35 -15.32 -12.56
CA LYS D 25 13.58 -15.51 -13.33
C LYS D 25 13.35 -16.20 -14.66
N ARG D 26 12.40 -17.13 -14.70
CA ARG D 26 12.16 -17.94 -15.88
C ARG D 26 10.69 -17.98 -16.27
N ILE D 27 10.41 -17.68 -17.53
CA ILE D 27 9.05 -17.68 -18.04
C ILE D 27 8.91 -18.63 -19.24
N SER D 28 7.74 -19.24 -19.36
CA SER D 28 7.49 -20.17 -20.45
C SER D 28 7.16 -19.41 -21.72
N GLY D 29 6.95 -20.15 -22.81
CA GLY D 29 6.79 -19.56 -24.13
C GLY D 29 5.55 -18.71 -24.26
N LEU D 30 4.45 -19.19 -23.70
CA LEU D 30 3.16 -18.50 -23.80
C LEU D 30 3.14 -17.17 -23.05
N ILE D 31 4.04 -17.03 -22.07
CA ILE D 31 4.07 -15.85 -21.22
C ILE D 31 4.28 -14.56 -22.00
N TYR D 32 5.05 -14.61 -23.08
CA TYR D 32 5.29 -13.42 -23.89
C TYR D 32 3.99 -12.87 -24.49
N GLU D 33 3.28 -13.73 -25.20
CA GLU D 33 2.01 -13.33 -25.79
C GLU D 33 0.97 -12.97 -24.73
N GLU D 34 0.92 -13.74 -23.64
CA GLU D 34 0.00 -13.41 -22.57
C GLU D 34 0.27 -12.02 -22.01
N THR D 35 1.54 -11.70 -21.78
CA THR D 35 1.93 -10.39 -21.28
C THR D 35 1.48 -9.30 -22.24
N ARG D 36 1.64 -9.52 -23.54
CA ARG D 36 1.14 -8.52 -24.50
C ARG D 36 -0.38 -8.32 -24.40
N GLY D 37 -1.12 -9.43 -24.28
CA GLY D 37 -2.57 -9.35 -24.19
C GLY D 37 -3.05 -8.64 -22.93
N VAL D 38 -2.45 -9.01 -21.81
CA VAL D 38 -2.76 -8.40 -20.52
C VAL D 38 -2.47 -6.91 -20.56
N LEU D 39 -1.31 -6.55 -21.12
CA LEU D 39 -0.96 -5.15 -21.29
C LEU D 39 -2.06 -4.41 -22.06
N LYS D 40 -2.39 -4.93 -23.24
CA LYS D 40 -3.42 -4.30 -24.07
C LYS D 40 -4.73 -4.11 -23.31
N VAL D 41 -5.19 -5.17 -22.65
CA VAL D 41 -6.46 -5.12 -21.93
C VAL D 41 -6.48 -4.11 -20.78
N PHE D 42 -5.40 -4.09 -20.00
CA PHE D 42 -5.27 -3.09 -18.94
C PHE D 42 -5.35 -1.66 -19.50
N LEU D 43 -4.62 -1.42 -20.59
CA LEU D 43 -4.66 -0.11 -21.24
C LEU D 43 -6.08 0.24 -21.71
N GLU D 44 -6.76 -0.76 -22.28
CA GLU D 44 -8.15 -0.61 -22.71
C GLU D 44 -9.03 -0.15 -21.56
N ASN D 45 -8.91 -0.84 -20.43
CA ASN D 45 -9.71 -0.50 -19.27
C ASN D 45 -9.48 0.95 -18.84
N VAL D 46 -8.22 1.28 -18.59
CA VAL D 46 -7.88 2.64 -18.16
C VAL D 46 -8.39 3.70 -19.14
N ILE D 47 -8.18 3.46 -20.44
CA ILE D 47 -8.56 4.43 -21.47
C ILE D 47 -10.07 4.59 -21.57
N ARG D 48 -10.81 3.49 -21.44
CA ARG D 48 -12.27 3.55 -21.37
C ARG D 48 -12.69 4.52 -20.28
N ASP D 49 -12.21 4.29 -19.05
CA ASP D 49 -12.60 5.20 -17.97
C ASP D 49 -12.12 6.64 -18.19
N ALA D 50 -10.89 6.81 -18.67
CA ALA D 50 -10.30 8.14 -18.86
C ALA D 50 -11.08 8.99 -19.85
N VAL D 51 -11.43 8.41 -21.01
CA VAL D 51 -12.20 9.15 -22.01
C VAL D 51 -13.64 9.34 -21.53
N THR D 52 -14.11 8.45 -20.65
CA THR D 52 -15.41 8.72 -20.05
C THR D 52 -15.31 10.05 -19.29
N TYR D 53 -14.24 10.20 -18.52
CA TYR D 53 -14.02 11.45 -17.77
C TYR D 53 -13.87 12.65 -18.68
N THR D 54 -13.16 12.47 -19.78
CA THR D 54 -12.92 13.57 -20.71
C THR D 54 -14.20 14.04 -21.38
N GLU D 55 -15.00 13.08 -21.83
CA GLU D 55 -16.25 13.39 -22.52
C GLU D 55 -17.28 13.98 -21.56
N HIS D 56 -17.22 13.57 -20.29
CA HIS D 56 -18.10 14.18 -19.29
C HIS D 56 -17.79 15.67 -19.09
N ALA D 57 -16.51 16.01 -19.18
CA ALA D 57 -16.06 17.38 -18.94
C ALA D 57 -16.23 18.22 -20.20
N LYS D 58 -16.76 17.60 -21.25
CA LYS D 58 -16.97 18.26 -22.53
C LYS D 58 -15.66 18.80 -23.11
N ARG D 59 -14.56 18.07 -22.91
CA ARG D 59 -13.29 18.51 -23.48
C ARG D 59 -12.94 17.69 -24.70
N LYS D 60 -11.90 18.13 -25.41
CA LYS D 60 -11.40 17.42 -26.57
C LYS D 60 -10.13 16.63 -26.27
N THR D 61 -9.60 16.80 -25.07
CA THR D 61 -8.26 16.30 -24.75
C THR D 61 -8.23 15.54 -23.44
N VAL D 62 -7.80 14.28 -23.51
CA VAL D 62 -7.62 13.49 -22.30
C VAL D 62 -6.44 14.07 -21.53
N THR D 63 -6.66 14.42 -20.27
CA THR D 63 -5.60 15.02 -19.46
C THR D 63 -5.02 13.99 -18.49
N ALA D 64 -3.97 14.40 -17.78
CA ALA D 64 -3.33 13.53 -16.80
C ALA D 64 -4.30 13.22 -15.66
N MET D 65 -5.13 14.20 -15.32
CA MET D 65 -6.16 14.01 -14.29
C MET D 65 -7.19 12.95 -14.67
N ASP D 66 -7.63 12.97 -15.93
CA ASP D 66 -8.55 11.95 -16.41
C ASP D 66 -7.97 10.56 -16.21
N VAL D 67 -6.69 10.43 -16.55
CA VAL D 67 -6.00 9.16 -16.40
C VAL D 67 -5.87 8.77 -14.94
N VAL D 68 -5.62 9.76 -14.08
CA VAL D 68 -5.49 9.50 -12.64
C VAL D 68 -6.80 8.97 -12.07
N TYR D 69 -7.89 9.71 -12.28
CA TYR D 69 -9.20 9.29 -11.85
C TYR D 69 -9.57 7.91 -12.40
N ALA D 70 -9.19 7.65 -13.65
CA ALA D 70 -9.39 6.33 -14.24
C ALA D 70 -8.61 5.26 -13.50
N LEU D 71 -7.35 5.55 -13.18
CA LEU D 71 -6.46 4.58 -12.53
C LEU D 71 -6.88 4.24 -11.11
N LYS D 72 -7.46 5.22 -10.42
CA LYS D 72 -7.99 5.01 -9.08
C LYS D 72 -9.03 3.89 -9.06
N ARG D 73 -9.67 3.66 -10.20
CA ARG D 73 -10.74 2.68 -10.28
C ARG D 73 -10.28 1.33 -10.82
N GLN D 74 -8.99 1.23 -11.19
CA GLN D 74 -8.47 0.00 -11.75
C GLN D 74 -7.99 -1.03 -10.72
N GLY D 75 -7.65 -0.55 -9.52
CA GLY D 75 -7.11 -1.44 -8.51
C GLY D 75 -6.09 -0.77 -7.62
N ARG D 76 -5.21 -1.59 -7.05
CA ARG D 76 -4.20 -1.14 -6.09
C ARG D 76 -3.16 -0.17 -6.66
N THR D 77 -3.17 0.02 -7.98
CA THR D 77 -2.12 0.77 -8.66
C THR D 77 -1.85 2.13 -8.03
N LEU D 78 -2.91 2.92 -7.86
CA LEU D 78 -2.80 4.25 -7.22
C LEU D 78 -3.18 4.35 -5.73
N TYR D 79 -3.45 3.23 -5.05
CA TYR D 79 -3.84 3.30 -3.65
C TYR D 79 -2.79 4.09 -2.88
N GLY D 80 -3.24 5.15 -2.22
CA GLY D 80 -2.34 6.05 -1.51
C GLY D 80 -2.00 7.36 -2.21
N PHE D 81 -2.33 7.49 -3.49
CA PHE D 81 -2.02 8.72 -4.24
C PHE D 81 -3.03 9.83 -3.96
N SER E 2 35.91 25.73 -10.22
CA SER E 2 35.00 24.74 -10.77
C SER E 2 33.57 24.99 -10.28
N ARG E 3 33.41 25.91 -9.33
CA ARG E 3 32.08 26.28 -8.85
C ARG E 3 31.28 26.88 -10.00
N ARG E 4 31.99 27.55 -10.91
CA ARG E 4 31.41 28.10 -12.12
C ARG E 4 30.74 27.01 -12.96
N GLN E 5 31.49 25.94 -13.22
CA GLN E 5 30.98 24.83 -14.02
C GLN E 5 29.74 24.20 -13.38
N ILE E 6 29.77 24.05 -12.05
CA ILE E 6 28.61 23.59 -11.30
C ILE E 6 27.38 24.47 -11.56
N GLN E 7 27.52 25.77 -11.32
CA GLN E 7 26.39 26.70 -11.50
C GLN E 7 25.89 26.71 -12.96
N ARG E 8 26.82 26.54 -13.90
CA ARG E 8 26.48 26.42 -15.31
C ARG E 8 25.56 25.22 -15.53
N LEU E 9 25.96 24.07 -14.97
CA LEU E 9 25.12 22.88 -15.03
C LEU E 9 23.75 23.12 -14.40
N GLU E 10 23.72 23.81 -13.27
CA GLU E 10 22.46 24.18 -12.62
C GLU E 10 21.52 24.90 -13.59
N GLN E 11 22.08 25.86 -14.33
CA GLN E 11 21.30 26.58 -15.33
C GLN E 11 20.80 25.68 -16.47
N LEU E 12 21.67 24.80 -16.95
CA LEU E 12 21.24 23.82 -17.96
C LEU E 12 20.06 22.96 -17.47
N LEU E 13 20.16 22.49 -16.23
CA LEU E 13 19.07 21.77 -15.58
C LEU E 13 17.77 22.57 -15.66
N ALA E 14 17.81 23.82 -15.17
CA ALA E 14 16.63 24.69 -15.22
C ALA E 14 16.05 24.76 -16.62
N LEU E 15 16.92 24.92 -17.62
CA LEU E 15 16.48 24.98 -19.00
C LEU E 15 15.66 23.75 -19.40
N TYR E 16 16.26 22.57 -19.23
CA TYR E 16 15.59 21.34 -19.61
C TYR E 16 14.29 21.08 -18.84
N VAL E 17 14.26 21.46 -17.56
CA VAL E 17 13.02 21.36 -16.80
C VAL E 17 11.93 22.23 -17.39
N ALA E 18 12.28 23.47 -17.75
CA ALA E 18 11.30 24.36 -18.38
C ALA E 18 10.73 23.71 -19.64
N GLU E 19 11.62 23.25 -20.52
CA GLU E 19 11.17 22.62 -21.76
C GLU E 19 10.27 21.38 -21.53
N ILE E 20 10.68 20.51 -20.61
CA ILE E 20 9.88 19.34 -20.24
C ILE E 20 8.49 19.72 -19.74
N ARG E 21 8.43 20.72 -18.87
CA ARG E 21 7.14 21.23 -18.38
C ARG E 21 6.27 21.70 -19.53
N ARG E 22 6.85 22.39 -20.50
CA ARG E 22 6.07 22.84 -21.65
C ARG E 22 5.54 21.64 -22.44
N LEU E 23 6.40 20.64 -22.65
CA LEU E 23 6.02 19.48 -23.45
C LEU E 23 4.91 18.66 -22.81
N GLN E 24 4.91 18.57 -21.48
CA GLN E 24 3.87 17.83 -20.77
C GLN E 24 2.46 18.31 -21.13
N GLU E 25 2.32 19.62 -21.35
CA GLU E 25 1.02 20.21 -21.63
C GLU E 25 0.62 20.05 -23.08
N LYS E 26 1.58 19.69 -23.93
CA LYS E 26 1.32 19.58 -25.37
C LYS E 26 0.35 18.46 -25.70
N GLU E 27 -0.49 18.72 -26.71
CA GLU E 27 -1.60 17.83 -27.03
C GLU E 27 -1.36 17.01 -28.30
N LEU E 28 -1.59 15.72 -28.20
CA LEU E 28 -1.31 14.80 -29.30
C LEU E 28 -2.60 14.23 -29.86
N ASP E 29 -2.75 14.30 -31.18
CA ASP E 29 -3.86 13.64 -31.86
C ASP E 29 -3.43 12.25 -32.30
N LEU E 30 -4.33 11.54 -32.97
CA LEU E 30 -4.07 10.15 -33.38
C LEU E 30 -2.84 9.99 -34.28
N SER E 31 -2.68 10.87 -35.25
CA SER E 31 -1.55 10.77 -36.17
C SER E 31 -0.23 11.06 -35.46
N GLU E 32 -0.29 11.95 -34.47
CA GLU E 32 0.90 12.29 -33.69
C GLU E 32 1.34 11.15 -32.76
N LEU E 33 0.41 10.25 -32.47
CA LEU E 33 0.73 9.05 -31.70
C LEU E 33 1.46 8.03 -32.56
N ASP E 34 1.47 8.25 -33.87
CA ASP E 34 2.26 7.42 -34.77
C ASP E 34 3.60 8.07 -35.13
N ASP E 35 3.80 9.29 -34.66
CA ASP E 35 4.98 10.07 -35.03
C ASP E 35 6.16 9.84 -34.07
N PRO E 36 7.28 9.37 -34.62
CA PRO E 36 8.51 9.18 -33.85
C PRO E 36 9.03 10.50 -33.26
N ASP E 37 8.57 11.61 -33.81
CA ASP E 37 8.93 12.93 -33.28
C ASP E 37 7.92 13.56 -32.31
N SER E 38 6.94 12.79 -31.89
CA SER E 38 5.86 13.27 -31.00
C SER E 38 6.40 13.92 -29.72
N ALA E 39 5.62 14.86 -29.19
CA ALA E 39 5.95 15.56 -27.94
C ALA E 39 6.29 14.58 -26.80
N TYR E 40 5.69 13.39 -26.84
CA TYR E 40 5.95 12.36 -25.84
C TYR E 40 7.41 11.91 -25.93
N LEU E 41 7.84 11.58 -27.14
CA LEU E 41 9.22 11.14 -27.37
C LEU E 41 10.23 12.28 -27.25
N GLN E 42 9.83 13.49 -27.62
CA GLN E 42 10.64 14.69 -27.42
C GLN E 42 10.95 14.80 -25.94
N GLU E 43 9.88 14.75 -25.15
CA GLU E 43 9.98 14.87 -23.72
C GLU E 43 10.85 13.78 -23.12
N ALA E 44 10.70 12.56 -23.63
CA ALA E 44 11.49 11.43 -23.12
C ALA E 44 12.98 11.69 -23.36
N ARG E 45 13.29 12.19 -24.55
CA ARG E 45 14.66 12.56 -24.90
C ARG E 45 15.22 13.59 -23.92
N LEU E 46 14.45 14.66 -23.70
CA LEU E 46 14.88 15.73 -22.82
C LEU E 46 15.07 15.25 -21.37
N LYS E 47 14.22 14.33 -20.92
CA LYS E 47 14.38 13.74 -19.60
C LYS E 47 15.68 12.95 -19.51
N ARG E 48 15.97 12.14 -20.53
CA ARG E 48 17.24 11.43 -20.58
C ARG E 48 18.44 12.36 -20.43
N LYS E 49 18.45 13.44 -21.23
CA LYS E 49 19.54 14.42 -21.15
C LYS E 49 19.61 15.08 -19.77
N LEU E 50 18.45 15.44 -19.23
CA LEU E 50 18.33 16.01 -17.89
C LEU E 50 19.03 15.14 -16.86
N ILE E 51 18.70 13.85 -16.85
CA ILE E 51 19.26 12.94 -15.86
C ILE E 51 20.78 12.79 -16.04
N ARG E 52 21.24 12.73 -17.29
CA ARG E 52 22.69 12.70 -17.48
C ARG E 52 23.36 13.96 -16.93
N LEU E 53 22.71 15.10 -17.12
CA LEU E 53 23.22 16.37 -16.62
C LEU E 53 23.32 16.36 -15.11
N PHE E 54 22.28 15.86 -14.44
CA PHE E 54 22.30 15.74 -12.98
C PHE E 54 23.46 14.85 -12.51
N GLY E 55 23.64 13.73 -13.20
CA GLY E 55 24.78 12.87 -12.93
C GLY E 55 26.10 13.62 -13.04
N ARG E 56 26.25 14.42 -14.08
CA ARG E 56 27.44 15.25 -14.25
C ARG E 56 27.61 16.26 -13.11
N LEU E 57 26.50 16.86 -12.71
CA LEU E 57 26.49 17.84 -11.64
C LEU E 57 27.02 17.22 -10.35
N CYS E 58 26.70 15.94 -10.15
CA CYS E 58 27.22 15.23 -8.98
C CYS E 58 28.70 14.87 -9.17
N GLU E 59 29.06 14.39 -10.35
CA GLU E 59 30.44 14.02 -10.64
C GLU E 59 31.39 15.21 -10.54
N LEU E 60 30.84 16.42 -10.65
CA LEU E 60 31.57 17.66 -10.37
C LEU E 60 31.61 17.97 -8.88
N LYS E 61 30.46 17.79 -8.24
CA LYS E 61 30.22 18.32 -6.90
C LYS E 61 30.89 17.53 -5.80
N ASP E 62 31.50 16.39 -6.16
CA ASP E 62 31.95 15.40 -5.20
C ASP E 62 30.77 14.99 -4.32
N CYS E 63 29.63 14.77 -4.98
CA CYS E 63 28.46 14.18 -4.33
C CYS E 63 28.30 12.80 -4.92
N SER E 64 27.25 12.12 -4.49
CA SER E 64 26.81 10.89 -5.12
C SER E 64 25.52 11.21 -5.88
N SER E 65 25.26 10.47 -6.95
CA SER E 65 24.20 10.82 -7.90
C SER E 65 22.79 10.41 -7.42
N LEU E 66 22.73 9.92 -6.19
CA LEU E 66 21.49 9.65 -5.46
C LEU E 66 20.56 10.86 -5.45
N THR E 67 19.30 10.62 -5.85
CA THR E 67 18.27 11.66 -5.88
C THR E 67 17.30 11.61 -4.68
N GLY E 68 17.49 10.67 -3.77
CA GLY E 68 16.63 10.56 -2.61
C GLY E 68 15.36 9.76 -2.87
N ARG E 69 15.45 8.82 -3.81
CA ARG E 69 14.34 7.91 -4.10
C ARG E 69 14.22 6.94 -2.93
N VAL E 70 13.00 6.52 -2.63
CA VAL E 70 12.77 5.60 -1.51
C VAL E 70 13.41 4.22 -1.75
N ILE E 71 13.63 3.88 -3.02
CA ILE E 71 14.25 2.59 -3.36
C ILE E 71 15.77 2.62 -3.23
N GLU E 72 16.32 3.79 -2.93
CA GLU E 72 17.75 3.92 -2.66
C GLU E 72 18.10 3.52 -1.23
N GLN E 73 17.06 3.35 -0.41
CA GLN E 73 17.24 3.08 1.02
C GLN E 73 17.39 1.60 1.32
N ARG E 74 18.29 1.30 2.25
CA ARG E 74 18.51 -0.09 2.65
C ARG E 74 17.29 -0.64 3.39
N ILE E 75 16.91 -1.87 3.05
CA ILE E 75 15.81 -2.55 3.72
C ILE E 75 16.32 -3.49 4.79
N PRO E 76 16.00 -3.21 6.06
CA PRO E 76 16.42 -4.05 7.18
C PRO E 76 15.62 -5.35 7.30
N TYR E 77 16.26 -6.45 7.67
CA TYR E 77 15.51 -7.62 8.12
C TYR E 77 15.99 -8.18 9.46
N ARG E 78 15.18 -7.95 10.48
CA ARG E 78 15.38 -8.45 11.84
C ARG E 78 14.42 -9.60 12.24
N GLY E 79 13.67 -10.10 11.29
CA GLY E 79 12.55 -11.00 11.52
C GLY E 79 12.64 -12.27 12.34
N THR E 80 13.83 -12.88 12.48
CA THR E 80 13.93 -14.12 13.27
C THR E 80 14.75 -13.93 14.54
N ARG E 81 14.86 -15.00 15.34
CA ARG E 81 15.66 -14.96 16.57
C ARG E 81 17.14 -15.11 16.25
N TYR E 82 17.44 -15.41 15.00
CA TYR E 82 18.81 -15.69 14.58
C TYR E 82 19.35 -14.59 13.69
N PRO E 83 20.25 -13.75 14.25
CA PRO E 83 20.80 -12.60 13.51
C PRO E 83 21.71 -13.00 12.37
N GLU E 84 22.22 -14.22 12.40
CA GLU E 84 23.04 -14.74 11.31
C GLU E 84 22.13 -14.92 10.09
N VAL E 85 21.04 -15.65 10.30
CA VAL E 85 19.97 -15.80 9.31
C VAL E 85 19.46 -14.45 8.84
N ASN E 86 19.17 -13.56 9.79
CA ASN E 86 18.64 -12.23 9.48
C ASN E 86 19.58 -11.44 8.58
N ARG E 87 20.87 -11.51 8.87
CA ARG E 87 21.87 -10.84 8.05
C ARG E 87 21.93 -11.43 6.65
N ARG E 88 21.80 -12.76 6.55
CA ARG E 88 21.79 -13.39 5.23
C ARG E 88 20.60 -12.88 4.41
N ILE E 89 19.43 -12.89 5.03
CA ILE E 89 18.21 -12.37 4.39
C ILE E 89 18.36 -10.90 3.98
N GLU E 90 18.98 -10.10 4.85
CA GLU E 90 19.14 -8.68 4.59
C GLU E 90 20.09 -8.44 3.42
N ARG E 91 21.14 -9.25 3.33
CA ARG E 91 22.05 -9.18 2.19
C ARG E 91 21.31 -9.53 0.91
N LEU E 92 20.48 -10.56 0.98
CA LEU E 92 19.74 -11.07 -0.17
C LEU E 92 18.86 -10.01 -0.85
N ILE E 93 18.20 -9.18 -0.05
CA ILE E 93 17.23 -8.25 -0.58
C ILE E 93 17.82 -6.87 -0.87
N ASN E 94 19.05 -6.66 -0.44
CA ASN E 94 19.77 -5.42 -0.68
C ASN E 94 20.79 -5.45 -1.83
N LYS E 95 20.80 -6.54 -2.59
CA LYS E 95 21.73 -6.73 -3.70
C LYS E 95 21.74 -5.53 -4.65
N PRO E 96 22.92 -5.21 -5.22
CA PRO E 96 23.15 -4.09 -6.14
C PRO E 96 22.25 -4.09 -7.38
N GLY E 97 21.77 -2.91 -7.76
CA GLY E 97 20.95 -2.74 -8.95
C GLY E 97 19.47 -2.84 -8.67
N PRO E 98 18.66 -2.84 -9.74
CA PRO E 98 17.27 -3.29 -9.66
C PRO E 98 17.25 -4.79 -10.00
N ASP E 99 16.08 -5.40 -10.05
CA ASP E 99 15.96 -6.84 -10.28
C ASP E 99 16.66 -7.62 -9.15
N THR E 100 16.56 -7.10 -7.93
CA THR E 100 17.08 -7.80 -6.76
C THR E 100 15.97 -8.56 -6.03
N PHE E 101 14.76 -8.52 -6.60
CA PHE E 101 13.62 -9.23 -6.03
C PHE E 101 13.89 -10.72 -6.04
N PRO E 102 14.00 -11.33 -4.85
CA PRO E 102 14.30 -12.76 -4.73
C PRO E 102 13.08 -13.63 -4.99
N ASP E 103 13.28 -14.89 -5.36
CA ASP E 103 12.20 -15.87 -5.35
C ASP E 103 12.31 -16.75 -4.10
N TYR E 104 11.38 -17.68 -3.93
CA TYR E 104 11.36 -18.47 -2.71
C TYR E 104 12.62 -19.33 -2.54
N GLY E 105 13.09 -19.91 -3.64
CA GLY E 105 14.30 -20.72 -3.66
C GLY E 105 15.50 -19.98 -3.10
N ASP E 106 15.64 -18.72 -3.47
CA ASP E 106 16.71 -17.87 -2.95
C ASP E 106 16.65 -17.77 -1.43
N VAL E 107 15.47 -17.47 -0.92
CA VAL E 107 15.26 -17.28 0.52
C VAL E 107 15.53 -18.55 1.29
N LEU E 108 14.95 -19.66 0.84
CA LEU E 108 15.17 -20.96 1.46
C LEU E 108 16.66 -21.28 1.49
N ARG E 109 17.33 -21.02 0.37
CA ARG E 109 18.77 -21.26 0.28
C ARG E 109 19.52 -20.46 1.34
N ALA E 110 19.30 -19.15 1.42
CA ALA E 110 19.98 -18.34 2.42
C ALA E 110 19.72 -18.86 3.83
N VAL E 111 18.46 -19.18 4.11
CA VAL E 111 18.08 -19.69 5.41
C VAL E 111 18.87 -20.94 5.80
N GLU E 112 18.79 -21.99 4.98
CA GLU E 112 19.45 -23.24 5.35
C GLU E 112 20.97 -23.14 5.31
N LYS E 113 21.49 -22.27 4.44
CA LYS E 113 22.92 -22.00 4.41
C LYS E 113 23.38 -21.44 5.76
N ALA E 114 22.67 -20.43 6.26
CA ALA E 114 23.01 -19.84 7.56
C ALA E 114 22.83 -20.87 8.67
N ALA E 115 21.76 -21.66 8.60
CA ALA E 115 21.48 -22.69 9.61
C ALA E 115 22.54 -23.78 9.65
N ALA E 116 23.21 -24.00 8.52
CA ALA E 116 24.32 -24.94 8.45
C ALA E 116 25.56 -24.29 9.05
N ARG E 117 26.01 -23.20 8.43
CA ARG E 117 27.28 -22.60 8.79
C ARG E 117 27.44 -22.20 10.27
N HIS E 118 26.35 -21.88 10.95
CA HIS E 118 26.45 -21.59 12.38
C HIS E 118 26.01 -22.76 13.26
N SER E 119 25.69 -23.87 12.58
CA SER E 119 25.33 -25.12 13.24
C SER E 119 24.19 -25.00 14.24
N LEU E 120 23.17 -24.24 13.88
CA LEU E 120 21.91 -24.32 14.58
C LEU E 120 21.43 -25.73 14.38
N GLY E 121 21.11 -26.44 15.45
CA GLY E 121 20.28 -27.61 15.24
C GLY E 121 18.97 -26.96 14.83
N LEU E 122 18.56 -27.18 13.59
CA LEU E 122 17.37 -26.52 13.06
C LEU E 122 16.57 -27.41 12.13
N PRO E 123 15.56 -28.12 12.65
CA PRO E 123 14.77 -29.09 11.89
C PRO E 123 14.31 -28.52 10.56
N ARG E 124 14.21 -29.36 9.54
CA ARG E 124 13.92 -28.92 8.19
C ARG E 124 12.56 -28.24 8.06
N GLN E 125 11.58 -28.73 8.81
CA GLN E 125 10.24 -28.15 8.79
C GLN E 125 10.29 -26.70 9.27
N GLN E 126 11.06 -26.46 10.34
CA GLN E 126 11.22 -25.14 10.90
C GLN E 126 11.95 -24.21 9.93
N LEU E 127 12.95 -24.75 9.24
CA LEU E 127 13.68 -24.00 8.21
C LEU E 127 12.73 -23.58 7.09
N GLN E 128 11.91 -24.51 6.63
CA GLN E 128 10.93 -24.22 5.60
C GLN E 128 9.97 -23.11 6.05
N LEU E 129 9.31 -23.30 7.19
CA LEU E 129 8.34 -22.33 7.71
C LEU E 129 8.97 -20.93 7.86
N MET E 130 10.19 -20.90 8.38
CA MET E 130 10.94 -19.66 8.54
C MET E 130 11.23 -19.00 7.19
N ALA E 131 11.60 -19.80 6.21
CA ALA E 131 11.83 -19.30 4.86
C ALA E 131 10.55 -18.78 4.20
N GLN E 132 9.43 -19.42 4.49
CA GLN E 132 8.17 -19.01 3.90
C GLN E 132 7.69 -17.68 4.49
N ASP E 133 7.78 -17.56 5.81
CA ASP E 133 7.45 -16.31 6.47
C ASP E 133 8.36 -15.16 6.01
N ALA E 134 9.65 -15.45 5.91
CA ALA E 134 10.63 -14.47 5.44
C ALA E 134 10.37 -14.04 3.99
N PHE E 135 10.12 -15.01 3.12
CA PHE E 135 9.85 -14.73 1.71
C PHE E 135 8.61 -13.85 1.57
N ARG E 136 7.56 -14.19 2.33
CA ARG E 136 6.32 -13.42 2.31
C ARG E 136 6.59 -11.99 2.75
N ASP E 137 7.16 -11.83 3.94
CA ASP E 137 7.44 -10.50 4.48
C ASP E 137 8.30 -9.64 3.54
N VAL E 138 9.41 -10.19 3.08
CA VAL E 138 10.34 -9.46 2.23
C VAL E 138 9.72 -9.11 0.88
N GLY E 139 9.01 -10.07 0.28
CA GLY E 139 8.38 -9.84 -1.01
C GLY E 139 7.35 -8.74 -0.92
N ILE E 140 6.52 -8.80 0.12
CA ILE E 140 5.52 -7.77 0.37
C ILE E 140 6.18 -6.41 0.56
N ARG E 141 7.28 -6.39 1.31
CA ARG E 141 8.04 -5.16 1.56
C ARG E 141 8.56 -4.54 0.27
N LEU E 142 9.18 -5.36 -0.58
CA LEU E 142 9.70 -4.90 -1.86
C LEU E 142 8.62 -4.38 -2.80
N GLN E 143 7.52 -5.12 -2.89
CA GLN E 143 6.37 -4.69 -3.68
C GLN E 143 5.83 -3.35 -3.18
N GLU E 144 5.76 -3.21 -1.86
CA GLU E 144 5.27 -2.00 -1.23
C GLU E 144 6.18 -0.81 -1.52
N ARG E 145 7.49 -1.04 -1.50
CA ARG E 145 8.44 0.01 -1.80
C ARG E 145 8.33 0.44 -3.24
N ARG E 146 8.21 -0.52 -4.15
CA ARG E 146 8.05 -0.16 -5.56
C ARG E 146 6.77 0.67 -5.74
N HIS E 147 5.72 0.30 -5.01
CA HIS E 147 4.46 1.05 -5.06
C HIS E 147 4.63 2.48 -4.56
N LEU E 148 5.34 2.63 -3.45
CA LEU E 148 5.63 3.92 -2.83
C LEU E 148 6.39 4.79 -3.83
N ASP E 149 7.37 4.17 -4.49
CA ASP E 149 8.13 4.84 -5.53
C ASP E 149 7.22 5.30 -6.67
N LEU E 150 6.26 4.47 -7.04
CA LEU E 150 5.32 4.83 -8.08
C LEU E 150 4.52 6.06 -7.70
N ILE E 151 3.89 6.04 -6.53
CA ILE E 151 2.99 7.14 -6.16
C ILE E 151 3.71 8.40 -5.69
N TYR E 152 4.99 8.28 -5.34
CA TYR E 152 5.80 9.44 -4.98
C TYR E 152 6.14 10.26 -6.22
N ASN E 153 6.50 9.56 -7.28
CA ASN E 153 6.94 10.18 -8.52
C ASN E 153 5.88 10.26 -9.61
N PHE E 154 4.67 9.83 -9.30
CA PHE E 154 3.61 9.84 -10.31
C PHE E 154 3.15 11.25 -10.67
N GLY E 155 2.71 11.40 -11.91
CA GLY E 155 2.13 12.66 -12.35
C GLY E 155 3.13 13.74 -12.73
N CYS E 156 2.75 14.98 -12.46
CA CYS E 156 3.44 16.13 -13.01
C CYS E 156 3.09 17.39 -12.22
N HIS E 157 3.49 18.54 -12.76
CA HIS E 157 3.07 19.82 -12.19
C HIS E 157 1.57 20.05 -12.35
N LEU E 158 0.94 19.25 -13.21
CA LEU E 158 -0.51 19.31 -13.40
C LEU E 158 -1.23 18.47 -12.35
N PRO E 164 -6.87 19.79 -4.98
CA PRO E 164 -8.14 19.09 -4.79
C PRO E 164 -9.09 19.29 -5.97
N GLY E 165 -9.10 18.34 -6.91
CA GLY E 165 -8.46 17.05 -6.73
C GLY E 165 -9.53 16.04 -6.43
N VAL E 166 -10.78 16.47 -6.60
CA VAL E 166 -11.95 15.67 -6.25
C VAL E 166 -12.61 15.03 -7.47
N ASP E 167 -12.74 13.70 -7.40
CA ASP E 167 -13.37 12.90 -8.46
C ASP E 167 -14.77 13.43 -8.79
N PRO E 168 -14.99 13.81 -10.06
CA PRO E 168 -16.29 14.32 -10.52
C PRO E 168 -17.41 13.29 -10.37
N ALA E 169 -17.06 12.01 -10.38
CA ALA E 169 -18.04 10.95 -10.30
C ALA E 169 -18.80 10.97 -8.98
N LEU E 170 -18.16 11.53 -7.95
CA LEU E 170 -18.78 11.64 -6.63
C LEU E 170 -20.01 12.56 -6.65
N SER E 171 -19.98 13.59 -7.50
CA SER E 171 -21.14 14.48 -7.64
C SER E 171 -22.06 14.20 -8.86
N ASP E 172 -21.71 13.21 -9.69
CA ASP E 172 -22.54 12.86 -10.86
C ASP E 172 -22.91 11.36 -10.93
N PRO E 173 -24.10 11.00 -10.40
CA PRO E 173 -24.49 9.59 -10.32
C PRO E 173 -24.57 8.87 -11.68
N VAL E 174 -24.82 9.62 -12.74
CA VAL E 174 -24.87 9.06 -14.09
C VAL E 174 -23.48 8.60 -14.51
N LEU E 175 -22.52 9.52 -14.38
CA LEU E 175 -21.11 9.23 -14.59
C LEU E 175 -20.64 8.04 -13.75
N ALA E 176 -20.94 8.10 -12.45
CA ALA E 176 -20.57 7.05 -11.50
C ALA E 176 -21.11 5.69 -11.93
N ARG E 177 -22.36 5.67 -12.38
CA ARG E 177 -22.99 4.44 -12.85
C ARG E 177 -22.26 3.89 -14.07
N ARG E 178 -21.95 4.77 -15.03
CA ARG E 178 -21.23 4.35 -16.22
C ARG E 178 -19.85 3.78 -15.88
N LEU E 179 -19.17 4.42 -14.92
CA LEU E 179 -17.87 3.95 -14.49
C LEU E 179 -17.98 2.57 -13.85
N ARG E 180 -19.02 2.36 -13.05
CA ARG E 180 -19.28 1.06 -12.42
C ARG E 180 -19.44 -0.04 -13.48
N GLU E 181 -20.29 0.24 -14.47
CA GLU E 181 -20.45 -0.67 -15.60
C GLU E 181 -19.10 -0.99 -16.24
N ASN E 182 -18.35 0.07 -16.55
CA ASN E 182 -16.98 -0.08 -17.05
C ASN E 182 -16.11 -0.99 -16.19
N ARG E 183 -16.25 -0.90 -14.87
CA ARG E 183 -15.46 -1.70 -13.96
C ARG E 183 -15.79 -3.19 -14.10
N SER E 184 -17.08 -3.53 -14.10
CA SER E 184 -17.45 -4.94 -14.31
C SER E 184 -16.88 -5.45 -15.64
N LEU E 185 -16.99 -4.62 -16.69
CA LEU E 185 -16.46 -4.98 -18.01
C LEU E 185 -14.95 -5.25 -17.96
N ALA E 186 -14.21 -4.33 -17.33
CA ALA E 186 -12.77 -4.38 -17.19
C ALA E 186 -12.33 -5.66 -16.51
N MET E 187 -12.89 -5.89 -15.32
CA MET E 187 -12.59 -7.09 -14.57
C MET E 187 -12.81 -8.33 -15.43
N SER E 188 -13.94 -8.36 -16.13
CA SER E 188 -14.27 -9.54 -16.93
C SER E 188 -13.32 -9.76 -18.11
N ARG E 189 -12.87 -8.70 -18.77
CA ARG E 189 -11.95 -8.85 -19.90
C ARG E 189 -10.56 -9.29 -19.44
N LEU E 190 -10.11 -8.71 -18.32
CA LEU E 190 -8.86 -9.13 -17.71
C LEU E 190 -8.88 -10.63 -17.42
N ASP E 191 -9.90 -11.05 -16.66
CA ASP E 191 -10.09 -12.47 -16.34
C ASP E 191 -10.16 -13.31 -17.61
N GLU E 192 -10.73 -12.74 -18.67
CA GLU E 192 -10.89 -13.43 -19.93
C GLU E 192 -9.53 -13.77 -20.53
N VAL E 193 -8.65 -12.78 -20.64
CA VAL E 193 -7.30 -13.03 -21.17
C VAL E 193 -6.52 -14.03 -20.34
N ILE E 194 -6.49 -13.79 -19.02
CA ILE E 194 -5.82 -14.73 -18.10
C ILE E 194 -6.28 -16.19 -18.31
N SER E 195 -7.59 -16.38 -18.30
CA SER E 195 -8.19 -17.68 -18.57
C SER E 195 -7.74 -18.24 -19.91
N LYS E 196 -7.77 -17.40 -20.94
CA LYS E 196 -7.43 -17.82 -22.29
C LYS E 196 -6.05 -18.46 -22.33
N TYR E 197 -5.05 -17.78 -21.79
CA TYR E 197 -3.70 -18.35 -21.85
C TYR E 197 -3.55 -19.59 -20.95
N ALA E 198 -4.23 -19.58 -19.80
CA ALA E 198 -4.27 -20.80 -18.97
C ALA E 198 -4.77 -21.99 -19.80
N MET E 199 -5.80 -21.73 -20.61
CA MET E 199 -6.42 -22.75 -21.44
C MET E 199 -5.51 -23.23 -22.55
N LEU E 200 -4.83 -22.32 -23.24
CA LEU E 200 -3.84 -22.74 -24.23
C LEU E 200 -2.82 -23.70 -23.59
N GLN E 201 -2.31 -23.29 -22.43
CA GLN E 201 -1.42 -24.17 -21.68
C GLN E 201 -2.06 -25.54 -21.48
N ASP E 202 -3.30 -25.56 -21.02
CA ASP E 202 -3.98 -26.83 -20.74
C ASP E 202 -4.19 -27.68 -21.98
N LYS E 203 -4.30 -27.03 -23.14
CA LYS E 203 -4.31 -27.74 -24.41
C LYS E 203 -2.99 -28.48 -24.57
N SER E 204 -1.89 -27.75 -24.43
CA SER E 204 -0.57 -28.39 -24.54
C SER E 204 -0.43 -29.54 -23.56
N GLU E 205 -0.79 -29.30 -22.31
CA GLU E 205 -0.85 -30.35 -21.31
C GLU E 205 -2.02 -31.29 -21.56
N SER F 2 20.64 -18.08 33.83
CA SER F 2 21.10 -19.46 33.77
C SER F 2 20.40 -20.21 32.62
N ARG F 3 21.08 -21.18 32.05
CA ARG F 3 20.57 -21.95 30.91
C ARG F 3 19.22 -22.60 31.19
N ARG F 4 19.12 -23.23 32.36
CA ARG F 4 17.91 -23.96 32.76
C ARG F 4 16.71 -23.01 32.88
N GLN F 5 16.93 -21.86 33.53
CA GLN F 5 15.90 -20.84 33.66
C GLN F 5 15.37 -20.38 32.31
N ILE F 6 16.29 -20.05 31.40
CA ILE F 6 15.94 -19.63 30.05
C ILE F 6 15.10 -20.68 29.32
N GLN F 7 15.59 -21.92 29.31
CA GLN F 7 14.89 -23.05 28.70
C GLN F 7 13.47 -23.18 29.27
N ARG F 8 13.36 -23.02 30.60
CA ARG F 8 12.08 -23.09 31.28
C ARG F 8 11.13 -22.01 30.79
N LEU F 9 11.61 -20.77 30.74
CA LEU F 9 10.81 -19.65 30.25
C LEU F 9 10.32 -19.88 28.82
N GLU F 10 11.19 -20.40 27.96
CA GLU F 10 10.81 -20.72 26.59
C GLU F 10 9.68 -21.75 26.55
N GLN F 11 9.80 -22.77 27.39
CA GLN F 11 8.73 -23.77 27.54
C GLN F 11 7.41 -23.08 27.93
N LEU F 12 7.47 -22.14 28.86
CA LEU F 12 6.28 -21.42 29.30
C LEU F 12 5.66 -20.60 28.17
N LEU F 13 6.51 -19.95 27.37
CA LEU F 13 6.05 -19.22 26.21
C LEU F 13 5.26 -20.15 25.31
N ALA F 14 5.85 -21.31 24.99
CA ALA F 14 5.18 -22.31 24.16
C ALA F 14 3.82 -22.71 24.72
N LEU F 15 3.77 -22.89 26.04
CA LEU F 15 2.51 -23.21 26.71
C LEU F 15 1.46 -22.14 26.44
N TYR F 16 1.80 -20.89 26.74
CA TYR F 16 0.86 -19.77 26.53
C TYR F 16 0.41 -19.66 25.08
N VAL F 17 1.33 -19.91 24.15
CA VAL F 17 0.94 -19.91 22.74
C VAL F 17 -0.14 -20.96 22.48
N ALA F 18 0.10 -22.20 22.93
CA ALA F 18 -0.89 -23.27 22.79
C ALA F 18 -2.26 -22.89 23.35
N GLU F 19 -2.26 -22.36 24.58
CA GLU F 19 -3.51 -21.95 25.21
C GLU F 19 -4.23 -20.88 24.40
N ILE F 20 -3.45 -19.91 23.89
CA ILE F 20 -4.01 -18.84 23.08
C ILE F 20 -4.64 -19.38 21.81
N ARG F 21 -3.97 -20.32 21.14
CA ARG F 21 -4.55 -20.94 19.94
C ARG F 21 -5.87 -21.61 20.25
N ARG F 22 -5.90 -22.40 21.32
CA ARG F 22 -7.13 -23.06 21.73
C ARG F 22 -8.26 -22.06 21.97
N LEU F 23 -7.95 -20.94 22.61
CA LEU F 23 -8.98 -19.92 22.86
C LEU F 23 -9.43 -19.26 21.54
N GLN F 24 -8.50 -19.11 20.61
CA GLN F 24 -8.79 -18.49 19.33
C GLN F 24 -9.78 -19.32 18.55
N GLU F 25 -9.72 -20.64 18.72
CA GLU F 25 -10.68 -21.49 18.00
C GLU F 25 -12.07 -21.54 18.63
N LYS F 26 -12.19 -21.07 19.87
CA LYS F 26 -13.46 -21.14 20.61
C LYS F 26 -14.59 -20.39 19.88
N GLU F 27 -15.78 -20.99 19.86
CA GLU F 27 -16.90 -20.40 19.14
C GLU F 27 -17.89 -19.69 20.06
N LEU F 28 -17.91 -18.36 19.96
CA LEU F 28 -18.72 -17.53 20.84
C LEU F 28 -20.12 -17.31 20.29
N ASP F 29 -21.12 -17.57 21.10
CA ASP F 29 -22.48 -17.24 20.72
C ASP F 29 -22.77 -15.83 21.25
N LEU F 30 -23.96 -15.31 20.96
CA LEU F 30 -24.29 -13.93 21.29
C LEU F 30 -24.23 -13.63 22.77
N SER F 31 -24.63 -14.60 23.59
CA SER F 31 -24.56 -14.47 25.04
C SER F 31 -23.12 -14.25 25.49
N GLU F 32 -22.23 -15.10 25.00
CA GLU F 32 -20.82 -15.03 25.35
C GLU F 32 -20.17 -13.72 24.86
N LEU F 33 -20.78 -13.09 23.87
CA LEU F 33 -20.33 -11.79 23.39
C LEU F 33 -20.70 -10.68 24.38
N ASP F 34 -21.55 -11.02 25.35
CA ASP F 34 -21.90 -10.05 26.40
C ASP F 34 -21.08 -10.28 27.65
N ASP F 35 -20.26 -11.33 27.62
CA ASP F 35 -19.50 -11.80 28.78
C ASP F 35 -18.16 -11.08 28.90
N PRO F 36 -17.94 -10.40 30.04
CA PRO F 36 -16.66 -9.74 30.31
C PRO F 36 -15.53 -10.76 30.49
N ASP F 37 -15.89 -11.99 30.84
CA ASP F 37 -14.93 -13.08 30.95
C ASP F 37 -14.81 -14.00 29.74
N SER F 38 -15.40 -13.60 28.60
CA SER F 38 -15.46 -14.47 27.43
C SER F 38 -14.07 -14.86 26.91
N ALA F 39 -14.03 -15.90 26.07
CA ALA F 39 -12.79 -16.41 25.49
C ALA F 39 -11.92 -15.32 24.88
N TYR F 40 -12.56 -14.29 24.33
CA TYR F 40 -11.83 -13.20 23.69
C TYR F 40 -10.99 -12.41 24.70
N LEU F 41 -11.63 -12.00 25.80
CA LEU F 41 -10.94 -11.31 26.89
C LEU F 41 -9.88 -12.18 27.57
N GLN F 42 -10.17 -13.46 27.81
CA GLN F 42 -9.21 -14.36 28.43
C GLN F 42 -7.99 -14.48 27.52
N GLU F 43 -8.25 -14.52 26.22
CA GLU F 43 -7.20 -14.58 25.22
C GLU F 43 -6.30 -13.34 25.33
N ALA F 44 -6.93 -12.16 25.34
CA ALA F 44 -6.19 -10.90 25.51
C ALA F 44 -5.29 -10.93 26.75
N ARG F 45 -5.85 -11.42 27.86
CA ARG F 45 -5.08 -11.55 29.10
C ARG F 45 -3.84 -12.42 28.91
N LEU F 46 -4.05 -13.60 28.32
CA LEU F 46 -2.94 -14.51 28.03
C LEU F 46 -1.87 -13.83 27.19
N LYS F 47 -2.30 -13.05 26.19
CA LYS F 47 -1.35 -12.33 25.34
C LYS F 47 -0.49 -11.35 26.15
N ARG F 48 -1.12 -10.62 27.07
CA ARG F 48 -0.36 -9.74 27.94
C ARG F 48 0.67 -10.50 28.76
N LYS F 49 0.22 -11.60 29.37
CA LYS F 49 1.11 -12.44 30.17
C LYS F 49 2.32 -12.87 29.32
N LEU F 50 2.04 -13.32 28.10
CA LEU F 50 3.07 -13.81 27.20
C LEU F 50 4.10 -12.73 26.88
N ILE F 51 3.62 -11.52 26.61
CA ILE F 51 4.53 -10.42 26.29
C ILE F 51 5.45 -10.08 27.46
N ARG F 52 4.87 -9.96 28.65
CA ARG F 52 5.69 -9.74 29.85
C ARG F 52 6.76 -10.82 29.99
N LEU F 53 6.33 -12.07 29.82
CA LEU F 53 7.22 -13.21 29.93
C LEU F 53 8.38 -13.09 28.94
N PHE F 54 8.07 -12.69 27.70
CA PHE F 54 9.12 -12.51 26.69
C PHE F 54 10.11 -11.45 27.15
N GLY F 55 9.61 -10.39 27.77
CA GLY F 55 10.49 -9.38 28.34
C GLY F 55 11.49 -10.00 29.31
N ARG F 56 10.95 -10.72 30.30
CA ARG F 56 11.82 -11.43 31.26
C ARG F 56 12.85 -12.33 30.56
N LEU F 57 12.39 -13.08 29.56
CA LEU F 57 13.23 -14.00 28.83
C LEU F 57 14.42 -13.28 28.22
N CYS F 58 14.16 -12.15 27.57
CA CYS F 58 15.24 -11.39 26.94
C CYS F 58 16.19 -10.81 27.97
N GLU F 59 15.66 -10.32 29.07
CA GLU F 59 16.53 -9.83 30.14
C GLU F 59 17.43 -10.93 30.70
N LEU F 60 16.95 -12.17 30.67
CA LEU F 60 17.78 -13.30 31.10
C LEU F 60 18.93 -13.61 30.13
N LYS F 61 18.70 -13.33 28.84
CA LYS F 61 19.70 -13.64 27.82
C LYS F 61 20.65 -12.48 27.61
N ASP F 62 20.35 -11.36 28.27
CA ASP F 62 20.96 -10.07 27.97
C ASP F 62 21.01 -9.85 26.47
N CYS F 63 19.82 -9.78 25.89
CA CYS F 63 19.64 -9.40 24.50
C CYS F 63 18.52 -8.37 24.54
N SER F 64 18.33 -7.64 23.45
CA SER F 64 17.27 -6.64 23.42
C SER F 64 15.92 -7.33 23.40
N SER F 65 14.90 -6.62 23.88
CA SER F 65 13.54 -7.15 23.95
C SER F 65 12.77 -6.90 22.67
N LEU F 66 13.47 -6.39 21.66
CA LEU F 66 12.89 -6.09 20.35
C LEU F 66 12.37 -7.34 19.65
N THR F 67 11.18 -7.22 19.05
CA THR F 67 10.54 -8.35 18.37
C THR F 67 10.75 -8.31 16.85
N GLY F 68 11.42 -7.29 16.36
CA GLY F 68 11.67 -7.13 14.94
C GLY F 68 10.49 -6.56 14.17
N ARG F 69 9.66 -5.77 14.85
CA ARG F 69 8.53 -5.09 14.20
C ARG F 69 9.04 -4.08 13.18
N VAL F 70 8.39 -4.03 12.02
CA VAL F 70 8.75 -3.06 10.98
C VAL F 70 8.63 -1.62 11.50
N ILE F 71 7.70 -1.43 12.44
CA ILE F 71 7.35 -0.11 12.94
C ILE F 71 8.45 0.46 13.84
N GLU F 72 9.40 -0.39 14.23
CA GLU F 72 10.52 0.08 15.06
C GLU F 72 11.77 0.39 14.23
N GLN F 73 11.65 0.27 12.91
CA GLN F 73 12.75 0.62 12.01
C GLN F 73 12.79 2.14 11.77
N ARG F 74 14.00 2.68 11.74
CA ARG F 74 14.19 4.10 11.45
C ARG F 74 13.80 4.44 10.01
N ILE F 75 13.01 5.50 9.86
CA ILE F 75 12.60 5.97 8.54
C ILE F 75 13.47 7.13 8.07
N PRO F 76 14.30 6.89 7.05
CA PRO F 76 15.20 7.94 6.56
C PRO F 76 14.46 9.02 5.78
N TYR F 77 14.92 10.28 5.86
CA TYR F 77 14.47 11.29 4.91
C TYR F 77 15.62 12.04 4.23
N ARG F 78 15.78 11.73 2.95
CA ARG F 78 16.78 12.35 2.09
C ARG F 78 16.26 13.38 1.05
N GLY F 79 14.97 13.69 1.13
CA GLY F 79 14.23 14.42 0.11
C GLY F 79 14.70 15.74 -0.48
N THR F 80 15.54 16.51 0.22
CA THR F 80 15.97 17.81 -0.33
C THR F 80 17.46 17.93 -0.64
N ARG F 81 17.86 19.06 -1.20
CA ARG F 81 19.28 19.35 -1.46
C ARG F 81 20.00 19.67 -0.17
N TYR F 82 19.24 20.00 0.86
CA TYR F 82 19.79 20.51 2.11
C TYR F 82 19.73 19.47 3.22
N PRO F 83 20.88 18.90 3.58
CA PRO F 83 21.02 17.84 4.58
C PRO F 83 20.51 18.25 5.96
N GLU F 84 20.50 19.55 6.23
CA GLU F 84 20.07 20.06 7.53
C GLU F 84 18.55 19.97 7.66
N VAL F 85 17.86 20.44 6.62
CA VAL F 85 16.41 20.25 6.51
C VAL F 85 16.05 18.77 6.62
N ASN F 86 16.72 17.95 5.81
CA ASN F 86 16.50 16.51 5.80
C ASN F 86 16.64 15.94 7.19
N ARG F 87 17.72 16.34 7.87
CA ARG F 87 18.02 15.82 9.20
C ARG F 87 16.94 16.19 10.20
N ARG F 88 16.51 17.45 10.18
CA ARG F 88 15.39 17.85 11.02
C ARG F 88 14.14 17.02 10.74
N ILE F 89 13.81 16.84 9.46
CA ILE F 89 12.64 16.03 9.09
C ILE F 89 12.76 14.59 9.61
N GLU F 90 13.95 14.01 9.50
CA GLU F 90 14.19 12.64 9.95
C GLU F 90 14.01 12.54 11.47
N ARG F 91 14.59 13.47 12.21
CA ARG F 91 14.44 13.47 13.67
C ARG F 91 12.97 13.64 14.06
N LEU F 92 12.26 14.45 13.30
CA LEU F 92 10.83 14.69 13.53
C LEU F 92 9.96 13.43 13.42
N ILE F 93 10.17 12.65 12.37
CA ILE F 93 9.33 11.47 12.13
C ILE F 93 9.83 10.24 12.89
N ASN F 94 11.02 10.35 13.47
CA ASN F 94 11.59 9.26 14.24
C ASN F 94 11.46 9.39 15.77
N LYS F 95 10.70 10.39 16.24
CA LYS F 95 10.47 10.63 17.65
C LYS F 95 10.03 9.36 18.37
N PRO F 96 10.48 9.19 19.63
CA PRO F 96 10.18 8.01 20.47
C PRO F 96 8.70 7.92 20.82
N GLY F 97 8.14 6.72 20.71
CA GLY F 97 6.74 6.50 21.03
C GLY F 97 5.89 6.24 19.80
N PRO F 98 4.65 5.80 20.01
CA PRO F 98 3.61 5.49 19.00
C PRO F 98 3.06 6.73 18.30
N ASP F 99 3.05 7.87 19.01
CA ASP F 99 2.35 9.08 18.58
C ASP F 99 3.15 10.04 17.68
N THR F 100 4.28 9.53 17.19
CA THR F 100 5.20 10.23 16.28
C THR F 100 4.58 11.00 15.09
N PHE F 101 3.43 10.57 14.57
CA PHE F 101 2.88 11.14 13.30
C PHE F 101 2.69 12.67 13.33
N PRO F 102 3.47 13.40 12.51
CA PRO F 102 3.41 14.86 12.46
C PRO F 102 2.22 15.39 11.65
N ASP F 103 1.81 16.63 11.88
CA ASP F 103 0.90 17.31 10.96
C ASP F 103 1.71 18.28 10.08
N TYR F 104 1.04 18.97 9.16
CA TYR F 104 1.75 19.85 8.25
C TYR F 104 2.55 20.92 8.97
N GLY F 105 1.93 21.53 9.98
CA GLY F 105 2.55 22.57 10.79
C GLY F 105 3.91 22.16 11.34
N ASP F 106 4.00 20.94 11.85
CA ASP F 106 5.27 20.44 12.38
C ASP F 106 6.35 20.44 11.31
N VAL F 107 6.00 19.94 10.13
CA VAL F 107 6.92 19.85 9.01
C VAL F 107 7.37 21.23 8.54
N LEU F 108 6.41 22.13 8.37
CA LEU F 108 6.74 23.51 7.99
C LEU F 108 7.68 24.15 8.99
N ARG F 109 7.35 24.04 10.27
CA ARG F 109 8.20 24.60 11.32
C ARG F 109 9.61 24.02 11.27
N ALA F 110 9.71 22.72 11.03
CA ALA F 110 11.01 22.07 10.90
C ALA F 110 11.81 22.69 9.75
N VAL F 111 11.18 22.79 8.59
CA VAL F 111 11.83 23.37 7.42
C VAL F 111 12.29 24.80 7.68
N GLU F 112 11.43 25.59 8.31
CA GLU F 112 11.75 26.99 8.62
C GLU F 112 12.91 27.10 9.59
N LYS F 113 12.88 26.35 10.68
CA LYS F 113 13.96 26.41 11.64
C LYS F 113 15.29 25.98 11.02
N ALA F 114 15.28 24.93 10.20
CA ALA F 114 16.51 24.51 9.53
C ALA F 114 17.00 25.57 8.54
N ALA F 115 16.06 26.22 7.85
CA ALA F 115 16.43 27.24 6.85
C ALA F 115 16.97 28.51 7.50
N ALA F 116 16.50 28.82 8.70
CA ALA F 116 16.96 29.99 9.43
C ALA F 116 18.31 29.74 10.10
N ARG F 117 18.44 28.58 10.74
CA ARG F 117 19.64 28.25 11.50
C ARG F 117 20.87 28.32 10.59
N HIS F 118 20.74 27.83 9.37
CA HIS F 118 21.85 27.82 8.42
C HIS F 118 21.83 28.91 7.34
N SER F 119 20.84 29.81 7.43
CA SER F 119 20.77 31.00 6.57
C SER F 119 20.74 30.66 5.08
N LEU F 120 19.91 29.70 4.72
CA LEU F 120 19.90 29.14 3.36
C LEU F 120 19.31 30.11 2.34
N GLY F 121 18.77 31.23 2.81
CA GLY F 121 18.25 32.26 1.94
C GLY F 121 17.13 31.73 1.05
N LEU F 122 16.14 31.13 1.68
CA LEU F 122 15.04 30.49 0.96
C LEU F 122 13.76 31.31 1.07
N PRO F 123 13.19 31.70 -0.08
CA PRO F 123 11.92 32.42 -0.14
C PRO F 123 10.79 31.58 0.45
N ARG F 124 9.75 32.23 0.96
CA ARG F 124 8.68 31.52 1.63
C ARG F 124 7.89 30.61 0.70
N GLN F 125 7.84 30.94 -0.59
CA GLN F 125 7.12 30.08 -1.54
C GLN F 125 7.82 28.73 -1.64
N GLN F 126 9.15 28.78 -1.75
CA GLN F 126 9.94 27.56 -1.90
C GLN F 126 10.01 26.79 -0.58
N LEU F 127 10.07 27.52 0.52
CA LEU F 127 10.03 26.91 1.85
C LEU F 127 8.72 26.15 2.03
N GLN F 128 7.63 26.78 1.63
CA GLN F 128 6.30 26.19 1.73
C GLN F 128 6.14 24.97 0.83
N LEU F 129 6.59 25.07 -0.42
CA LEU F 129 6.49 23.93 -1.33
C LEU F 129 7.33 22.76 -0.83
N MET F 130 8.50 23.09 -0.29
CA MET F 130 9.37 22.08 0.30
C MET F 130 8.68 21.36 1.45
N ALA F 131 8.12 22.13 2.37
CA ALA F 131 7.39 21.56 3.49
C ALA F 131 6.23 20.69 3.02
N GLN F 132 5.46 21.17 2.05
CA GLN F 132 4.31 20.41 1.53
C GLN F 132 4.74 19.06 0.94
N ASP F 133 5.77 19.08 0.11
CA ASP F 133 6.26 17.85 -0.48
C ASP F 133 6.79 16.88 0.57
N ALA F 134 7.55 17.39 1.53
CA ALA F 134 8.08 16.54 2.60
C ALA F 134 6.96 15.94 3.45
N PHE F 135 5.98 16.76 3.82
CA PHE F 135 4.85 16.30 4.62
C PHE F 135 4.10 15.19 3.90
N ARG F 136 3.91 15.37 2.60
CA ARG F 136 3.27 14.34 1.77
C ARG F 136 4.09 13.05 1.78
N ASP F 137 5.38 13.17 1.50
CA ASP F 137 6.28 12.01 1.45
C ASP F 137 6.22 11.20 2.74
N VAL F 138 6.51 11.85 3.87
CA VAL F 138 6.63 11.14 5.14
C VAL F 138 5.27 10.71 5.70
N GLY F 139 4.21 11.44 5.34
CA GLY F 139 2.87 11.09 5.75
C GLY F 139 2.45 9.79 5.09
N ILE F 140 2.70 9.73 3.78
CA ILE F 140 2.43 8.51 3.02
C ILE F 140 3.31 7.35 3.52
N ARG F 141 4.56 7.66 3.84
CA ARG F 141 5.51 6.65 4.31
C ARG F 141 5.03 6.05 5.63
N LEU F 142 4.63 6.92 6.55
CA LEU F 142 4.17 6.50 7.87
C LEU F 142 2.88 5.70 7.75
N GLN F 143 2.00 6.15 6.86
CA GLN F 143 0.79 5.41 6.61
C GLN F 143 1.09 3.98 6.14
N GLU F 144 1.96 3.88 5.13
CA GLU F 144 2.23 2.58 4.53
C GLU F 144 2.99 1.67 5.50
N ARG F 145 3.81 2.27 6.35
CA ARG F 145 4.51 1.51 7.36
C ARG F 145 3.50 0.92 8.36
N ARG F 146 2.54 1.74 8.79
CA ARG F 146 1.52 1.23 9.70
C ARG F 146 0.71 0.12 9.02
N HIS F 147 0.47 0.27 7.73
CA HIS F 147 -0.29 -0.71 6.96
C HIS F 147 0.46 -2.04 6.88
N LEU F 148 1.76 -1.94 6.64
CA LEU F 148 2.64 -3.09 6.55
C LEU F 148 2.64 -3.83 7.88
N ASP F 149 2.75 -3.06 8.96
CA ASP F 149 2.66 -3.59 10.31
C ASP F 149 1.34 -4.32 10.52
N LEU F 150 0.26 -3.75 9.98
CA LEU F 150 -1.04 -4.40 10.10
C LEU F 150 -1.09 -5.75 9.41
N ILE F 151 -0.76 -5.80 8.11
CA ILE F 151 -0.90 -7.06 7.36
C ILE F 151 0.16 -8.10 7.75
N TYR F 152 1.30 -7.66 8.25
CA TYR F 152 2.31 -8.58 8.72
C TYR F 152 1.79 -9.37 9.93
N ASN F 153 1.13 -8.66 10.83
CA ASN F 153 0.69 -9.24 12.09
C ASN F 153 -0.79 -9.64 12.15
N PHE F 154 -1.47 -9.57 11.01
CA PHE F 154 -2.90 -9.88 10.98
C PHE F 154 -3.18 -11.38 11.09
N GLY F 155 -4.28 -11.71 11.76
CA GLY F 155 -4.71 -13.10 11.85
C GLY F 155 -3.95 -13.98 12.82
N CYS F 156 -4.00 -15.28 12.56
CA CYS F 156 -3.55 -16.29 13.51
C CYS F 156 -3.20 -17.59 12.78
N HIS F 157 -3.03 -18.67 13.55
CA HIS F 157 -2.78 -19.99 12.97
C HIS F 157 -3.91 -20.44 12.05
N LEU F 158 -5.15 -20.03 12.36
CA LEU F 158 -6.31 -20.40 11.55
C LEU F 158 -6.23 -19.77 10.15
N THR F 159 -5.62 -18.59 10.07
CA THR F 159 -5.42 -17.93 8.78
C THR F 159 -4.04 -18.26 8.20
N ASP F 160 -3.19 -18.93 8.98
CA ASP F 160 -1.91 -19.41 8.48
C ASP F 160 -2.17 -20.56 7.50
N ASP F 161 -3.04 -21.48 7.91
CA ASP F 161 -3.59 -22.47 7.00
C ASP F 161 -4.44 -21.70 6.00
N TYR F 162 -4.29 -22.05 4.72
CA TYR F 162 -4.74 -21.24 3.58
C TYR F 162 -3.90 -19.98 3.44
N GLY F 165 -5.07 -19.26 0.12
CA GLY F 165 -6.42 -19.74 -0.10
C GLY F 165 -7.20 -18.87 -1.07
N VAL F 166 -8.13 -19.48 -1.79
CA VAL F 166 -8.86 -18.77 -2.84
C VAL F 166 -10.28 -18.35 -2.41
N ASP F 167 -10.59 -17.08 -2.65
CA ASP F 167 -11.91 -16.50 -2.39
C ASP F 167 -13.00 -17.33 -3.08
N PRO F 168 -13.96 -17.83 -2.30
CA PRO F 168 -15.07 -18.67 -2.80
C PRO F 168 -15.98 -17.93 -3.78
N ALA F 169 -15.94 -16.60 -3.74
CA ALA F 169 -16.81 -15.81 -4.61
C ALA F 169 -16.38 -15.90 -6.08
N LEU F 170 -15.13 -16.27 -6.31
CA LEU F 170 -14.59 -16.35 -7.66
C LEU F 170 -15.21 -17.51 -8.43
N SER F 171 -15.60 -18.56 -7.71
CA SER F 171 -16.28 -19.69 -8.33
C SER F 171 -17.81 -19.67 -8.21
N ASP F 172 -18.36 -18.64 -7.56
CA ASP F 172 -19.82 -18.55 -7.34
C ASP F 172 -20.42 -17.19 -7.69
N PRO F 173 -20.92 -17.02 -8.92
CA PRO F 173 -21.49 -15.75 -9.39
C PRO F 173 -22.61 -15.17 -8.51
N VAL F 174 -23.38 -16.03 -7.85
CA VAL F 174 -24.48 -15.57 -7.02
C VAL F 174 -23.94 -14.89 -5.77
N LEU F 175 -22.99 -15.57 -5.13
CA LEU F 175 -22.26 -15.01 -4.00
C LEU F 175 -21.56 -13.70 -4.39
N ALA F 176 -20.99 -13.67 -5.60
CA ALA F 176 -20.30 -12.49 -6.09
C ALA F 176 -21.26 -11.32 -6.23
N ARG F 177 -22.43 -11.60 -6.80
CA ARG F 177 -23.49 -10.60 -6.92
C ARG F 177 -23.88 -10.04 -5.56
N ARG F 178 -24.12 -10.95 -4.60
CA ARG F 178 -24.50 -10.54 -3.25
C ARG F 178 -23.44 -9.66 -2.61
N LEU F 179 -22.17 -10.04 -2.79
CA LEU F 179 -21.07 -9.26 -2.25
C LEU F 179 -20.96 -7.87 -2.90
N ARG F 180 -21.24 -7.79 -4.20
CA ARG F 180 -21.23 -6.51 -4.89
C ARG F 180 -22.34 -5.58 -4.39
N GLU F 181 -23.55 -6.12 -4.27
CA GLU F 181 -24.67 -5.38 -3.67
C GLU F 181 -24.31 -4.88 -2.27
N ASN F 182 -23.72 -5.78 -1.49
CA ASN F 182 -23.23 -5.45 -0.15
C ASN F 182 -22.25 -4.29 -0.19
N ARG F 183 -21.40 -4.27 -1.22
CA ARG F 183 -20.42 -3.21 -1.37
C ARG F 183 -21.10 -1.87 -1.62
N SER F 184 -22.10 -1.89 -2.50
CA SER F 184 -22.88 -0.68 -2.78
C SER F 184 -23.49 -0.14 -1.49
N LEU F 185 -24.14 -1.03 -0.75
CA LEU F 185 -24.73 -0.66 0.53
C LEU F 185 -23.70 -0.06 1.49
N ALA F 186 -22.53 -0.69 1.55
CA ALA F 186 -21.44 -0.27 2.44
C ALA F 186 -20.99 1.16 2.13
N MET F 187 -20.59 1.39 0.88
CA MET F 187 -20.17 2.72 0.43
C MET F 187 -21.25 3.75 0.73
N SER F 188 -22.50 3.43 0.39
CA SER F 188 -23.60 4.35 0.67
C SER F 188 -23.74 4.71 2.15
N ARG F 189 -23.73 3.71 3.02
CA ARG F 189 -23.95 3.96 4.45
C ARG F 189 -22.80 4.76 5.06
N LEU F 190 -21.59 4.49 4.58
CA LEU F 190 -20.41 5.25 5.00
C LEU F 190 -20.55 6.72 4.59
N ASP F 191 -20.88 6.95 3.32
CA ASP F 191 -21.12 8.30 2.80
C ASP F 191 -22.17 9.01 3.63
N GLU F 192 -23.20 8.25 4.01
CA GLU F 192 -24.32 8.78 4.75
C GLU F 192 -23.89 9.26 6.12
N VAL F 193 -23.13 8.45 6.85
CA VAL F 193 -22.74 8.87 8.21
C VAL F 193 -21.78 10.07 8.15
N ILE F 194 -20.81 10.01 7.22
CA ILE F 194 -19.89 11.13 7.00
C ILE F 194 -20.60 12.46 6.70
N SER F 195 -21.47 12.44 5.68
CA SER F 195 -22.19 13.64 5.28
C SER F 195 -23.18 14.06 6.35
N LYS F 196 -23.69 13.11 7.13
CA LYS F 196 -24.55 13.43 8.25
C LYS F 196 -23.83 14.36 9.21
N TYR F 197 -22.64 13.97 9.66
CA TYR F 197 -21.93 14.85 10.60
C TYR F 197 -21.41 16.14 9.97
N ALA F 198 -21.10 16.10 8.67
CA ALA F 198 -20.73 17.32 7.97
C ALA F 198 -21.89 18.31 8.01
N MET F 199 -23.10 17.79 7.80
CA MET F 199 -24.29 18.65 7.74
C MET F 199 -24.72 19.12 9.11
N LEU F 200 -24.49 18.29 10.12
CA LEU F 200 -24.64 18.76 11.49
C LEU F 200 -23.69 19.92 11.75
N GLN F 201 -22.47 19.84 11.23
CA GLN F 201 -21.53 20.94 11.37
C GLN F 201 -22.05 22.19 10.67
N ASP F 202 -22.59 22.02 9.47
CA ASP F 202 -23.10 23.16 8.70
C ASP F 202 -24.31 23.83 9.36
N LYS F 203 -25.15 23.03 10.01
CA LYS F 203 -26.34 23.54 10.70
C LYS F 203 -25.97 24.17 12.05
N SER F 204 -24.88 23.67 12.63
CA SER F 204 -24.36 24.23 13.89
C SER F 204 -23.39 25.37 13.61
N GLU F 205 -23.30 25.75 12.33
CA GLU F 205 -22.64 26.99 11.96
C GLU F 205 -23.67 28.10 11.73
N GLU F 206 -24.39 28.01 10.61
CA GLU F 206 -25.28 29.10 10.19
C GLU F 206 -26.65 29.03 10.86
P PO4 G . -12.70 2.34 24.76
O1 PO4 G . -12.68 1.15 23.85
O2 PO4 G . -11.32 2.59 25.34
O3 PO4 G . -13.14 3.57 23.97
O4 PO4 G . -13.69 2.06 25.87
P PO4 H . 9.84 -2.87 -26.21
O1 PO4 H . 11.32 -2.92 -25.91
O2 PO4 H . 9.24 -1.69 -25.50
O3 PO4 H . 9.59 -2.73 -27.69
O4 PO4 H . 9.19 -4.14 -25.71
P PO4 I . 12.35 -17.27 14.88
O1 PO4 I . 12.03 -18.69 15.25
O2 PO4 I . 11.72 -16.32 15.85
O3 PO4 I . 13.85 -17.06 14.92
O4 PO4 I . 11.84 -16.98 13.48
P PO4 J . 15.37 20.51 -3.21
O1 PO4 J . 16.29 20.61 -2.02
O2 PO4 J . 14.17 19.65 -2.88
O3 PO4 J . 14.91 21.89 -3.59
O4 PO4 J . 16.13 19.88 -4.35
P PO4 K . 6.30 -6.67 11.61
O1 PO4 K . 7.67 -6.12 11.29
O2 PO4 K . 6.15 -6.84 13.10
O3 PO4 K . 5.24 -5.72 11.12
O4 PO4 K . 6.14 -8.02 10.95
#